data_7JMS
#
_entry.id   7JMS
#
_cell.length_a   83.850
_cell.length_b   55.595
_cell.length_c   97.434
_cell.angle_alpha   90.000
_cell.angle_beta   97.203
_cell.angle_gamma   90.000
#
_symmetry.space_group_name_H-M   'P 1 21 1'
#
loop_
_entity.id
_entity.type
_entity.pdbx_description
1 polymer Replicase
2 polymer Polyubiquitin-B
3 non-polymer 'CALCIUM ION'
4 non-polymer prop-2-en-1-amine
5 non-polymer GLYCEROL
6 water water
#
loop_
_entity_poly.entity_id
_entity_poly.type
_entity_poly.pdbx_seq_one_letter_code
_entity_poly.pdbx_strand_id
1 'polypeptide(L)'
;MDFLEGITWDSVSDIQSVSNPSFTITDYFEVVRQPADGNCFYHSLAELYIPNKSDHAYRLVKNELREAAEKYFPTEPEAA
ATGMRLDEYLDTALRDNEWGGSLEAAMLSRHLGLTVVIWLVDGSNRVVGATRFGKGSLKTALHLLHSGLTHFDALRLLAT
EEDPQQETMSGSHHHHHH
;
A,C,E,G
2 'polypeptide(L)' MQIFVKTLTGKTITLEVEPSDTIENVKAKIQDKEGIPPDQQRLIFAGKQLEDGRTLSDYNIQKESTLHLVLRLRG B,D,F,H
#
# COMPACT_ATOMS: atom_id res chain seq x y z
N ASP A 2 -7.23 -15.68 20.91
CA ASP A 2 -8.01 -15.12 19.78
C ASP A 2 -7.73 -16.01 18.57
N PHE A 3 -7.99 -17.31 18.70
CA PHE A 3 -7.56 -18.23 17.62
C PHE A 3 -8.24 -17.97 16.29
N LEU A 4 -9.55 -17.88 16.31
CA LEU A 4 -10.22 -17.76 15.02
C LEU A 4 -9.79 -16.47 14.36
N GLU A 5 -9.62 -15.42 15.14
CA GLU A 5 -9.10 -14.17 14.58
C GLU A 5 -7.63 -14.35 14.18
N GLY A 6 -6.87 -15.27 14.81
CA GLY A 6 -5.45 -15.54 14.50
C GLY A 6 -5.31 -16.32 13.22
N ILE A 7 -6.41 -16.81 12.67
CA ILE A 7 -6.40 -17.57 11.39
C ILE A 7 -6.12 -16.64 10.22
N THR A 8 -5.25 -17.06 9.30
CA THR A 8 -4.86 -16.28 8.15
C THR A 8 -5.55 -16.83 6.90
N TRP A 9 -6.12 -15.93 6.10
CA TRP A 9 -6.91 -16.30 4.93
C TRP A 9 -6.22 -15.81 3.66
N ASP A 10 -6.12 -16.69 2.67
CA ASP A 10 -5.56 -16.34 1.37
C ASP A 10 -6.70 -16.04 0.39
N SER A 11 -6.60 -14.90 -0.29
CA SER A 11 -7.65 -14.46 -1.19
C SER A 11 -7.58 -15.22 -2.51
N VAL A 12 -8.67 -15.88 -2.88
CA VAL A 12 -8.79 -16.60 -4.13
C VAL A 12 -9.88 -16.00 -5.02
N SER A 13 -10.47 -14.89 -4.60
CA SER A 13 -11.48 -14.17 -5.38
C SER A 13 -11.60 -12.78 -4.79
N ASP A 14 -12.53 -12.00 -5.32
CA ASP A 14 -12.81 -10.70 -4.73
C ASP A 14 -13.57 -10.85 -3.41
N ILE A 15 -14.43 -11.86 -3.33
CA ILE A 15 -15.31 -12.07 -2.19
C ILE A 15 -14.94 -13.31 -1.39
N GLN A 16 -13.94 -14.07 -1.83
CA GLN A 16 -13.68 -15.40 -1.29
C GLN A 16 -12.24 -15.53 -0.83
N SER A 17 -12.04 -16.22 0.29
CA SER A 17 -10.72 -16.51 0.82
C SER A 17 -10.67 -17.97 1.27
N VAL A 18 -9.45 -18.48 1.43
CA VAL A 18 -9.21 -19.86 1.82
C VAL A 18 -8.24 -19.90 2.99
N SER A 19 -8.25 -21.02 3.70
CA SER A 19 -7.37 -21.22 4.84
C SER A 19 -7.26 -22.71 5.12
N ASN A 20 -6.19 -23.07 5.83
CA ASN A 20 -5.94 -24.43 6.27
C ASN A 20 -5.78 -24.43 7.78
N PRO A 21 -6.86 -24.28 8.54
CA PRO A 21 -6.78 -24.25 10.00
C PRO A 21 -6.74 -25.65 10.60
N SER A 22 -6.30 -25.70 11.86
CA SER A 22 -6.16 -26.96 12.59
C SER A 22 -6.80 -26.79 13.97
N PHE A 23 -8.06 -27.21 14.09
CA PHE A 23 -8.74 -27.24 15.38
C PHE A 23 -10.00 -28.09 15.23
N THR A 24 -10.57 -28.46 16.37
CA THR A 24 -11.84 -29.15 16.41
C THR A 24 -12.95 -28.12 16.52
N ILE A 25 -13.91 -28.16 15.59
CA ILE A 25 -14.94 -27.14 15.53
C ILE A 25 -15.79 -27.14 16.80
N THR A 26 -15.88 -28.28 17.48
CA THR A 26 -16.70 -28.38 18.68
C THR A 26 -16.10 -27.62 19.86
N ASP A 27 -14.80 -27.33 19.81
CA ASP A 27 -14.18 -26.63 20.94
C ASP A 27 -14.53 -25.14 20.94
N TYR A 28 -14.82 -24.56 19.78
CA TYR A 28 -15.13 -23.14 19.68
C TYR A 28 -16.54 -22.84 19.18
N PHE A 29 -17.28 -23.85 18.72
CA PHE A 29 -18.60 -23.63 18.16
C PHE A 29 -19.60 -24.63 18.71
N GLU A 30 -20.87 -24.22 18.77
CA GLU A 30 -21.98 -25.12 19.06
C GLU A 30 -22.63 -25.52 17.76
N VAL A 31 -22.78 -26.83 17.55
CA VAL A 31 -23.36 -27.36 16.32
C VAL A 31 -24.87 -27.47 16.49
N VAL A 32 -25.60 -26.80 15.60
CA VAL A 32 -27.06 -26.89 15.55
C VAL A 32 -27.40 -27.75 14.35
N ARG A 33 -27.67 -29.03 14.58
CA ARG A 33 -27.94 -29.96 13.50
C ARG A 33 -29.29 -29.65 12.86
N GLN A 34 -29.29 -29.55 11.53
CA GLN A 34 -30.47 -29.23 10.74
C GLN A 34 -30.80 -30.39 9.81
N PRO A 35 -32.07 -30.53 9.39
CA PRO A 35 -32.52 -31.80 8.79
C PRO A 35 -31.81 -32.16 7.49
N ALA A 36 -31.85 -33.46 7.19
CA ALA A 36 -31.34 -34.01 5.93
C ALA A 36 -32.46 -34.08 4.90
N ASP A 37 -32.89 -32.91 4.45
CA ASP A 37 -33.97 -32.77 3.47
C ASP A 37 -33.48 -32.20 2.15
N GLY A 38 -32.18 -31.97 2.01
CA GLY A 38 -31.63 -31.35 0.83
C GLY A 38 -31.62 -29.83 0.84
N ASN A 39 -32.28 -29.21 1.82
CA ASN A 39 -32.33 -27.76 1.95
C ASN A 39 -31.59 -27.26 3.18
N CYS A 40 -30.65 -28.06 3.71
CA CYS A 40 -30.00 -27.77 4.99
C CYS A 40 -29.04 -26.59 4.92
N PHE A 41 -28.45 -26.36 3.75
CA PHE A 41 -27.59 -25.16 3.60
C PHE A 41 -28.46 -23.95 3.98
N TYR A 42 -29.68 -23.85 3.45
CA TYR A 42 -30.57 -22.71 3.71
C TYR A 42 -31.19 -22.83 5.10
N HIS A 43 -31.43 -24.06 5.55
CA HIS A 43 -31.93 -24.32 6.92
C HIS A 43 -30.89 -23.88 7.94
N SER A 44 -29.63 -24.13 7.67
CA SER A 44 -28.53 -23.78 8.60
C SER A 44 -28.28 -22.29 8.56
N LEU A 45 -28.54 -21.64 7.43
CA LEU A 45 -28.44 -20.19 7.35
C LEU A 45 -29.64 -19.51 8.01
N ALA A 46 -30.83 -20.11 7.87
CA ALA A 46 -32.03 -19.52 8.45
C ALA A 46 -31.99 -19.55 9.97
N GLU A 47 -31.35 -20.57 10.55
CA GLU A 47 -31.22 -20.61 12.01
C GLU A 47 -30.36 -19.47 12.51
N LEU A 48 -29.30 -19.14 11.78
CA LEU A 48 -28.34 -18.14 12.24
C LEU A 48 -28.75 -16.72 11.88
N TYR A 49 -29.52 -16.54 10.81
CA TYR A 49 -29.86 -15.22 10.30
C TYR A 49 -31.30 -14.81 10.59
N ILE A 50 -32.27 -15.64 10.24
CA ILE A 50 -33.68 -15.33 10.45
C ILE A 50 -33.98 -15.38 11.94
N PRO A 51 -34.50 -14.31 12.54
CA PRO A 51 -34.72 -14.32 14.00
C PRO A 51 -35.82 -15.28 14.43
N ASN A 52 -36.86 -15.45 13.61
CA ASN A 52 -37.96 -16.35 13.94
C ASN A 52 -37.65 -17.73 13.38
N LYS A 53 -37.51 -18.69 14.26
CA LYS A 53 -37.10 -20.05 13.87
C LYS A 53 -38.31 -20.92 13.51
N SER A 54 -38.22 -21.64 12.40
CA SER A 54 -39.31 -22.48 11.93
C SER A 54 -38.76 -23.52 10.97
N ASP A 55 -39.55 -24.57 10.75
CA ASP A 55 -39.20 -25.56 9.74
C ASP A 55 -39.28 -25.03 8.32
N HIS A 56 -39.88 -23.85 8.13
CA HIS A 56 -39.99 -23.25 6.80
C HIS A 56 -39.29 -21.89 6.73
N ALA A 57 -38.38 -21.61 7.67
CA ALA A 57 -37.56 -20.41 7.56
C ALA A 57 -36.57 -20.50 6.42
N TYR A 58 -36.24 -21.71 5.97
CA TYR A 58 -35.29 -21.87 4.87
C TYR A 58 -35.83 -21.30 3.57
N ARG A 59 -37.15 -21.31 3.38
CA ARG A 59 -37.75 -20.75 2.17
C ARG A 59 -37.45 -19.26 2.06
N LEU A 60 -37.47 -18.54 3.18
CA LEU A 60 -37.15 -17.12 3.16
C LEU A 60 -35.72 -16.88 2.69
N VAL A 61 -34.81 -17.79 3.06
CA VAL A 61 -33.43 -17.66 2.61
C VAL A 61 -33.32 -17.95 1.11
N LYS A 62 -34.09 -18.92 0.61
CA LYS A 62 -34.04 -19.23 -0.81
C LYS A 62 -34.64 -18.10 -1.63
N ASN A 63 -35.67 -17.43 -1.10
CA ASN A 63 -36.26 -16.29 -1.81
C ASN A 63 -35.30 -15.12 -1.86
N GLU A 64 -34.56 -14.89 -0.77
CA GLU A 64 -33.52 -13.86 -0.80
C GLU A 64 -32.43 -14.22 -1.79
N LEU A 65 -32.29 -15.51 -2.11
CA LEU A 65 -31.25 -15.95 -3.03
C LEU A 65 -31.62 -15.64 -4.48
N ARG A 66 -32.93 -15.69 -4.80
CA ARG A 66 -33.36 -15.34 -6.15
C ARG A 66 -33.01 -13.89 -6.47
N GLU A 67 -33.28 -12.98 -5.53
CA GLU A 67 -32.86 -11.60 -5.71
C GLU A 67 -31.34 -11.49 -5.83
N ALA A 68 -30.61 -12.30 -5.07
CA ALA A 68 -29.16 -12.25 -5.10
C ALA A 68 -28.62 -12.78 -6.41
N ALA A 69 -29.21 -13.85 -6.93
CA ALA A 69 -28.76 -14.41 -8.20
C ALA A 69 -29.03 -13.45 -9.35
N GLU A 70 -30.21 -12.81 -9.36
CA GLU A 70 -30.48 -11.81 -10.38
C GLU A 70 -29.45 -10.69 -10.37
N LYS A 71 -28.93 -10.36 -9.18
CA LYS A 71 -28.00 -9.24 -9.07
C LYS A 71 -26.56 -9.64 -9.40
N TYR A 72 -26.13 -10.83 -8.95
CA TYR A 72 -24.71 -11.16 -8.97
C TYR A 72 -24.35 -12.42 -9.74
N PHE A 73 -25.30 -13.29 -10.07
CA PHE A 73 -24.96 -14.51 -10.82
C PHE A 73 -24.26 -14.22 -12.15
N PRO A 74 -24.67 -13.22 -12.95
CA PRO A 74 -23.93 -12.95 -14.20
C PRO A 74 -22.47 -12.57 -13.98
N THR A 75 -22.14 -11.98 -12.83
CA THR A 75 -20.77 -11.53 -12.56
C THR A 75 -20.06 -12.37 -11.51
N GLU A 76 -20.57 -13.57 -11.21
CA GLU A 76 -19.95 -14.36 -10.14
C GLU A 76 -18.91 -15.31 -10.71
N PRO A 77 -17.75 -15.43 -10.06
CA PRO A 77 -16.70 -16.29 -10.61
C PRO A 77 -17.04 -17.78 -10.60
N GLU A 78 -17.64 -18.28 -9.52
CA GLU A 78 -18.01 -19.69 -9.48
C GLU A 78 -19.19 -19.99 -10.39
N ALA A 79 -19.86 -18.97 -10.92
CA ALA A 79 -20.94 -19.15 -11.89
C ALA A 79 -20.45 -19.12 -13.33
N ALA A 80 -19.26 -18.56 -13.57
CA ALA A 80 -18.68 -18.61 -14.91
C ALA A 80 -18.27 -20.02 -15.31
N ALA A 81 -18.04 -20.91 -14.35
CA ALA A 81 -17.69 -22.29 -14.69
C ALA A 81 -18.89 -23.06 -15.21
N THR A 82 -20.04 -22.93 -14.53
CA THR A 82 -21.24 -23.63 -14.97
C THR A 82 -21.74 -23.07 -16.30
N GLY A 83 -22.24 -23.95 -17.15
CA GLY A 83 -22.81 -23.50 -18.43
C GLY A 83 -24.23 -22.99 -18.22
N MET A 84 -24.57 -22.63 -16.98
CA MET A 84 -25.96 -22.19 -16.67
C MET A 84 -26.06 -20.66 -16.73
N ARG A 85 -27.22 -20.15 -17.15
CA ARG A 85 -27.46 -18.69 -17.21
C ARG A 85 -28.59 -18.45 -16.19
N LEU A 86 -28.83 -17.22 -15.80
CA LEU A 86 -29.79 -16.91 -14.72
C LEU A 86 -31.07 -17.73 -14.71
N ASP A 87 -31.80 -17.81 -15.80
CA ASP A 87 -33.12 -18.44 -15.70
C ASP A 87 -33.03 -19.93 -15.42
N GLU A 88 -32.00 -20.60 -15.95
CA GLU A 88 -31.82 -22.02 -15.63
C GLU A 88 -31.47 -22.21 -14.15
N TYR A 89 -30.55 -21.36 -13.65
CA TYR A 89 -30.09 -21.50 -12.27
C TYR A 89 -31.24 -21.36 -11.28
N LEU A 90 -32.10 -20.35 -11.48
CA LEU A 90 -33.21 -20.14 -10.56
C LEU A 90 -34.18 -21.32 -10.58
N ASP A 91 -34.43 -21.89 -11.75
CA ASP A 91 -35.29 -23.06 -11.84
C ASP A 91 -34.68 -24.24 -11.10
N THR A 92 -33.37 -24.48 -11.31
CA THR A 92 -32.71 -25.59 -10.66
C THR A 92 -32.58 -25.35 -9.16
N ALA A 93 -32.09 -24.18 -8.77
CA ALA A 93 -31.68 -23.95 -7.38
C ALA A 93 -32.88 -23.76 -6.45
N LEU A 94 -33.90 -23.02 -6.89
CA LEU A 94 -35.05 -22.79 -6.03
C LEU A 94 -35.91 -24.03 -5.83
N ARG A 95 -35.53 -25.16 -6.43
CA ARG A 95 -36.27 -26.41 -6.27
C ARG A 95 -35.93 -27.07 -4.94
N ASP A 96 -36.85 -27.91 -4.47
CA ASP A 96 -36.62 -28.64 -3.23
C ASP A 96 -35.60 -29.75 -3.47
N ASN A 97 -34.85 -30.07 -2.41
CA ASN A 97 -33.80 -31.08 -2.45
C ASN A 97 -32.69 -30.72 -3.43
N GLU A 98 -32.48 -29.43 -3.67
CA GLU A 98 -31.36 -28.96 -4.46
C GLU A 98 -30.29 -28.40 -3.54
N TRP A 99 -29.07 -28.90 -3.69
CA TRP A 99 -28.01 -28.59 -2.74
C TRP A 99 -27.44 -27.20 -2.99
N GLY A 100 -27.39 -26.40 -1.93
CA GLY A 100 -26.71 -25.12 -1.97
C GLY A 100 -25.34 -25.19 -1.30
N GLY A 101 -24.58 -24.11 -1.47
CA GLY A 101 -23.26 -24.08 -0.88
C GLY A 101 -22.40 -22.88 -1.25
N SER A 102 -21.25 -23.16 -1.87
CA SER A 102 -20.24 -22.13 -2.06
C SER A 102 -20.73 -21.02 -3.00
N LEU A 103 -21.32 -21.41 -4.12
CA LEU A 103 -21.83 -20.41 -5.07
C LEU A 103 -22.99 -19.62 -4.46
N GLU A 104 -23.87 -20.30 -3.72
CA GLU A 104 -25.01 -19.60 -3.11
C GLU A 104 -24.56 -18.70 -1.97
N ALA A 105 -23.53 -19.12 -1.22
CA ALA A 105 -23.06 -18.30 -0.10
C ALA A 105 -22.38 -17.03 -0.57
N ALA A 106 -21.72 -17.06 -1.73
CA ALA A 106 -21.03 -15.87 -2.23
C ALA A 106 -22.04 -14.78 -2.59
N MET A 107 -23.08 -15.13 -3.33
CA MET A 107 -24.07 -14.14 -3.73
C MET A 107 -24.89 -13.64 -2.54
N LEU A 108 -25.17 -14.51 -1.57
CA LEU A 108 -25.91 -14.09 -0.39
C LEU A 108 -25.06 -13.17 0.50
N SER A 109 -23.75 -13.39 0.53
CA SER A 109 -22.87 -12.51 1.29
C SER A 109 -22.84 -11.11 0.69
N ARG A 110 -22.99 -10.99 -0.62
CA ARG A 110 -23.00 -9.69 -1.27
C ARG A 110 -24.34 -8.99 -1.10
N HIS A 111 -25.44 -9.73 -1.27
CA HIS A 111 -26.78 -9.13 -1.31
C HIS A 111 -27.28 -8.77 0.08
N LEU A 112 -26.91 -9.54 1.10
CA LEU A 112 -27.33 -9.28 2.46
C LEU A 112 -26.27 -8.55 3.28
N GLY A 113 -25.13 -8.20 2.68
CA GLY A 113 -24.06 -7.54 3.43
C GLY A 113 -23.51 -8.39 4.56
N LEU A 114 -23.31 -9.68 4.31
CA LEU A 114 -22.87 -10.60 5.34
C LEU A 114 -21.52 -11.21 4.99
N THR A 115 -20.84 -11.70 6.02
CA THR A 115 -19.64 -12.50 5.88
C THR A 115 -19.99 -13.94 6.28
N VAL A 116 -19.78 -14.88 5.36
CA VAL A 116 -20.14 -16.27 5.59
C VAL A 116 -18.87 -17.11 5.57
N VAL A 117 -18.69 -17.92 6.60
CA VAL A 117 -17.54 -18.80 6.74
C VAL A 117 -18.04 -20.24 6.70
N ILE A 118 -17.43 -21.05 5.84
CA ILE A 118 -17.75 -22.47 5.72
C ILE A 118 -16.58 -23.26 6.26
N TRP A 119 -16.81 -24.00 7.35
CA TRP A 119 -15.78 -24.84 7.96
C TRP A 119 -16.01 -26.28 7.54
N LEU A 120 -14.95 -26.94 7.08
CA LEU A 120 -15.03 -28.32 6.59
C LEU A 120 -14.45 -29.25 7.65
N VAL A 121 -15.05 -30.43 7.87
CA VAL A 121 -14.57 -31.29 9.00
C VAL A 121 -14.09 -32.67 8.52
N ASP A 122 -13.57 -33.48 9.44
CA ASP A 122 -13.04 -34.84 9.11
C ASP A 122 -13.84 -36.05 9.60
N GLY A 123 -14.95 -35.89 10.31
CA GLY A 123 -15.61 -37.06 10.89
C GLY A 123 -15.15 -37.26 12.33
N SER A 124 -14.35 -36.32 12.84
CA SER A 124 -13.93 -36.33 14.26
C SER A 124 -14.12 -34.88 14.71
N ASN A 125 -14.70 -34.06 13.84
CA ASN A 125 -14.94 -32.61 14.12
C ASN A 125 -13.70 -31.76 13.97
N ARG A 126 -12.61 -32.34 13.47
CA ARG A 126 -11.38 -31.53 13.19
C ARG A 126 -11.53 -30.86 11.82
N VAL A 127 -11.12 -29.60 11.71
CA VAL A 127 -11.29 -28.83 10.45
C VAL A 127 -10.22 -29.24 9.43
N VAL A 128 -10.67 -29.61 8.24
CA VAL A 128 -9.72 -29.90 7.17
C VAL A 128 -9.43 -28.67 6.34
N GLY A 129 -10.19 -27.60 6.52
CA GLY A 129 -10.08 -26.41 5.71
C GLY A 129 -11.27 -25.51 5.95
N ALA A 130 -11.22 -24.34 5.32
CA ALA A 130 -12.30 -23.37 5.53
C ALA A 130 -12.29 -22.35 4.41
N THR A 131 -13.49 -21.88 4.07
CA THR A 131 -13.70 -20.84 3.08
C THR A 131 -14.53 -19.72 3.70
N ARG A 132 -14.12 -18.48 3.45
CA ARG A 132 -14.80 -17.31 3.97
C ARG A 132 -15.26 -16.44 2.82
N PHE A 133 -16.54 -16.09 2.81
CA PHE A 133 -17.13 -15.22 1.79
C PHE A 133 -17.41 -13.88 2.44
N GLY A 134 -16.65 -12.86 2.04
CA GLY A 134 -16.66 -11.58 2.72
C GLY A 134 -15.42 -11.40 3.58
N LYS A 135 -15.13 -10.14 3.91
CA LYS A 135 -13.89 -9.85 4.68
C LYS A 135 -14.26 -9.20 6.02
N GLY A 136 -15.48 -9.39 6.45
CA GLY A 136 -15.90 -8.85 7.73
C GLY A 136 -15.39 -9.64 8.90
N SER A 137 -15.72 -9.15 10.09
CA SER A 137 -15.28 -9.79 11.32
C SER A 137 -15.91 -11.17 11.46
N LEU A 138 -15.15 -12.10 12.05
CA LEU A 138 -15.60 -13.47 12.21
C LEU A 138 -16.52 -13.67 13.42
N LYS A 139 -16.58 -12.69 14.31
CA LYS A 139 -17.52 -12.71 15.42
C LYS A 139 -18.90 -12.18 15.03
N THR A 140 -19.02 -11.61 13.83
CA THR A 140 -20.29 -11.21 13.27
C THR A 140 -20.69 -12.09 12.09
N ALA A 141 -19.84 -13.03 11.74
CA ALA A 141 -20.06 -13.85 10.53
C ALA A 141 -21.00 -15.01 10.77
N LEU A 142 -21.50 -15.55 9.67
CA LEU A 142 -22.41 -16.70 9.76
C LEU A 142 -21.54 -17.93 9.66
N HIS A 143 -21.65 -18.86 10.61
CA HIS A 143 -20.73 -20.03 10.63
C HIS A 143 -21.44 -21.29 10.20
N LEU A 144 -20.91 -21.91 9.16
CA LEU A 144 -21.55 -23.10 8.58
C LEU A 144 -20.57 -24.28 8.63
N LEU A 145 -21.06 -25.47 8.97
CA LEU A 145 -20.23 -26.70 9.02
C LEU A 145 -20.45 -27.57 7.80
N HIS A 146 -19.38 -27.92 7.09
CA HIS A 146 -19.49 -28.82 5.93
C HIS A 146 -19.05 -30.22 6.35
N SER A 147 -20.01 -31.04 6.78
CA SER A 147 -19.69 -32.39 7.22
C SER A 147 -19.64 -33.32 6.01
N GLY A 148 -18.52 -34.02 5.86
CA GLY A 148 -18.28 -34.64 4.58
C GLY A 148 -18.18 -33.54 3.54
N LEU A 149 -18.49 -33.91 2.30
CA LEU A 149 -18.71 -32.95 1.24
C LEU A 149 -20.19 -32.88 0.85
N THR A 150 -21.08 -33.34 1.74
CA THR A 150 -22.45 -33.62 1.38
C THR A 150 -23.50 -32.98 2.29
N HIS A 151 -23.10 -32.35 3.39
CA HIS A 151 -24.08 -31.91 4.38
C HIS A 151 -23.65 -30.60 5.00
N PHE A 152 -24.64 -29.81 5.43
CA PHE A 152 -24.40 -28.51 6.04
C PHE A 152 -25.20 -28.40 7.33
N ASP A 153 -24.51 -28.12 8.44
CA ASP A 153 -25.14 -27.81 9.71
C ASP A 153 -24.71 -26.42 10.17
N ALA A 154 -25.51 -25.83 11.04
CA ALA A 154 -25.26 -24.47 11.51
C ALA A 154 -24.33 -24.50 12.71
N LEU A 155 -23.54 -23.42 12.84
CA LEU A 155 -22.59 -23.28 13.96
C LEU A 155 -22.82 -21.96 14.64
N ARG A 156 -22.97 -21.98 15.94
CA ARG A 156 -23.11 -20.74 16.72
C ARG A 156 -21.90 -20.63 17.63
N LEU A 157 -21.32 -19.45 17.70
CA LEU A 157 -20.14 -19.25 18.54
C LEU A 157 -20.52 -19.49 20.00
N LEU A 158 -19.64 -20.17 20.73
CA LEU A 158 -19.93 -20.51 22.14
C LEU A 158 -19.29 -19.46 23.06
N MET B 1 9.30 -26.53 -15.02
CA MET B 1 8.77 -25.67 -13.95
C MET B 1 7.94 -26.48 -12.97
N GLN B 2 8.31 -26.41 -11.69
CA GLN B 2 7.62 -27.14 -10.63
C GLN B 2 6.65 -26.18 -9.94
N ILE B 3 5.46 -26.05 -10.50
CA ILE B 3 4.40 -25.25 -9.90
C ILE B 3 3.67 -26.09 -8.87
N PHE B 4 3.20 -25.44 -7.81
CA PHE B 4 2.44 -26.09 -6.76
C PHE B 4 0.98 -25.68 -6.87
N VAL B 5 0.09 -26.64 -6.66
CA VAL B 5 -1.35 -26.40 -6.67
C VAL B 5 -1.88 -26.62 -5.26
N LYS B 6 -2.51 -25.61 -4.69
CA LYS B 6 -2.99 -25.65 -3.32
C LYS B 6 -4.49 -25.84 -3.30
N THR B 7 -4.97 -26.75 -2.47
CA THR B 7 -6.38 -27.07 -2.35
C THR B 7 -6.93 -26.57 -1.02
N LEU B 8 -8.24 -26.71 -0.86
CA LEU B 8 -8.90 -26.23 0.36
C LEU B 8 -8.52 -27.07 1.57
N THR B 9 -8.31 -28.37 1.38
CA THR B 9 -7.86 -29.23 2.48
C THR B 9 -6.42 -28.95 2.88
N GLY B 10 -5.68 -28.16 2.10
CA GLY B 10 -4.27 -27.97 2.31
C GLY B 10 -3.39 -28.91 1.51
N LYS B 11 -3.98 -29.84 0.76
CA LYS B 11 -3.21 -30.73 -0.09
C LYS B 11 -2.51 -29.96 -1.19
N THR B 12 -1.26 -30.32 -1.46
CA THR B 12 -0.42 -29.63 -2.44
C THR B 12 0.04 -30.62 -3.50
N ILE B 13 -0.17 -30.27 -4.77
CA ILE B 13 0.23 -31.10 -5.90
C ILE B 13 1.31 -30.33 -6.67
N THR B 14 2.49 -30.92 -6.77
CA THR B 14 3.58 -30.33 -7.56
C THR B 14 3.50 -30.86 -8.98
N LEU B 15 3.37 -29.96 -9.94
CA LEU B 15 3.24 -30.31 -11.35
C LEU B 15 4.45 -29.82 -12.12
N GLU B 16 5.00 -30.69 -12.97
CA GLU B 16 6.05 -30.29 -13.91
C GLU B 16 5.39 -29.73 -15.16
N VAL B 17 5.63 -28.46 -15.45
CA VAL B 17 4.98 -27.78 -16.57
C VAL B 17 5.99 -26.94 -17.34
N GLU B 18 5.59 -26.53 -18.54
CA GLU B 18 6.33 -25.59 -19.37
C GLU B 18 5.56 -24.28 -19.48
N PRO B 19 6.26 -23.14 -19.59
CA PRO B 19 5.55 -21.84 -19.62
C PRO B 19 4.55 -21.72 -20.76
N SER B 20 4.77 -22.43 -21.87
CA SER B 20 3.85 -22.35 -22.99
C SER B 20 2.57 -23.15 -22.75
N ASP B 21 2.54 -24.02 -21.75
CA ASP B 21 1.39 -24.88 -21.52
C ASP B 21 0.17 -24.06 -21.13
N THR B 22 -0.99 -24.49 -21.62
CA THR B 22 -2.24 -23.81 -21.32
C THR B 22 -2.80 -24.28 -19.99
N ILE B 23 -3.72 -23.46 -19.44
CA ILE B 23 -4.41 -23.85 -18.21
C ILE B 23 -5.20 -25.13 -18.44
N GLU B 24 -5.77 -25.28 -19.63
CA GLU B 24 -6.46 -26.52 -19.99
C GLU B 24 -5.54 -27.73 -19.86
N ASN B 25 -4.27 -27.58 -20.25
CA ASN B 25 -3.31 -28.67 -20.09
C ASN B 25 -2.97 -28.89 -18.62
N VAL B 26 -2.84 -27.82 -17.85
CA VAL B 26 -2.59 -27.95 -16.41
C VAL B 26 -3.77 -28.64 -15.75
N LYS B 27 -4.99 -28.31 -16.18
CA LYS B 27 -6.18 -28.98 -15.64
C LYS B 27 -6.20 -30.45 -16.02
N ALA B 28 -5.76 -30.78 -17.24
CA ALA B 28 -5.69 -32.18 -17.64
C ALA B 28 -4.63 -32.94 -16.85
N LYS B 29 -3.53 -32.27 -16.48
CA LYS B 29 -2.52 -32.91 -15.64
C LYS B 29 -3.09 -33.26 -14.27
N ILE B 30 -3.84 -32.32 -13.67
CA ILE B 30 -4.43 -32.56 -12.37
C ILE B 30 -5.49 -33.66 -12.46
N GLN B 31 -6.22 -33.71 -13.57
CA GLN B 31 -7.24 -34.75 -13.74
C GLN B 31 -6.63 -36.14 -13.74
N ASP B 32 -5.50 -36.31 -14.44
CA ASP B 32 -4.85 -37.62 -14.49
C ASP B 32 -4.26 -38.00 -13.14
N LYS B 33 -3.87 -37.04 -12.32
CA LYS B 33 -3.22 -37.32 -11.06
C LYS B 33 -4.21 -37.48 -9.90
N GLU B 34 -5.29 -36.70 -9.89
CA GLU B 34 -6.23 -36.71 -8.78
C GLU B 34 -7.63 -37.16 -9.16
N GLY B 35 -7.96 -37.24 -10.46
CA GLY B 35 -9.27 -37.67 -10.87
C GLY B 35 -10.33 -36.60 -10.86
N ILE B 36 -9.95 -35.33 -10.64
CA ILE B 36 -10.89 -34.22 -10.63
C ILE B 36 -11.13 -33.78 -12.07
N PRO B 37 -12.37 -33.83 -12.56
CA PRO B 37 -12.64 -33.44 -13.95
C PRO B 37 -12.42 -31.96 -14.14
N PRO B 38 -11.91 -31.55 -15.32
CA PRO B 38 -11.61 -30.12 -15.54
C PRO B 38 -12.82 -29.20 -15.45
N ASP B 39 -14.03 -29.72 -15.68
CA ASP B 39 -15.22 -28.88 -15.52
C ASP B 39 -15.46 -28.46 -14.08
N GLN B 40 -14.90 -29.19 -13.11
CA GLN B 40 -15.15 -28.95 -11.70
C GLN B 40 -14.03 -28.22 -10.99
N GLN B 41 -13.01 -27.77 -11.71
CA GLN B 41 -11.84 -27.18 -11.06
C GLN B 41 -11.64 -25.73 -11.48
N ARG B 42 -11.41 -24.87 -10.49
CA ARG B 42 -11.13 -23.45 -10.68
C ARG B 42 -9.66 -23.21 -10.29
N LEU B 43 -8.83 -22.92 -11.28
CA LEU B 43 -7.45 -22.54 -11.02
C LEU B 43 -7.38 -21.03 -10.82
N ILE B 44 -6.70 -20.62 -9.75
CA ILE B 44 -6.65 -19.22 -9.34
C ILE B 44 -5.21 -18.86 -8.96
N PHE B 45 -4.71 -17.77 -9.54
CA PHE B 45 -3.37 -17.26 -9.25
C PHE B 45 -3.50 -15.82 -8.81
N ALA B 46 -3.08 -15.53 -7.57
CA ALA B 46 -3.11 -14.18 -7.00
C ALA B 46 -4.53 -13.60 -7.00
N GLY B 47 -5.51 -14.44 -6.68
CA GLY B 47 -6.88 -13.99 -6.55
C GLY B 47 -7.62 -13.77 -7.85
N LYS B 48 -7.15 -14.34 -8.96
CA LYS B 48 -7.78 -14.17 -10.25
C LYS B 48 -7.99 -15.53 -10.91
N GLN B 49 -9.15 -15.69 -11.55
CA GLN B 49 -9.50 -16.94 -12.20
C GLN B 49 -8.73 -17.09 -13.50
N LEU B 50 -8.25 -18.31 -13.75
CA LEU B 50 -7.42 -18.60 -14.91
C LEU B 50 -8.25 -19.24 -16.02
N GLU B 51 -8.17 -18.68 -17.21
CA GLU B 51 -8.94 -19.16 -18.34
C GLU B 51 -8.21 -20.29 -19.07
N ASP B 52 -8.98 -21.23 -19.61
CA ASP B 52 -8.41 -22.45 -20.17
C ASP B 52 -7.58 -22.17 -21.42
N GLY B 53 -8.03 -21.22 -22.24
CA GLY B 53 -7.38 -20.99 -23.52
C GLY B 53 -6.20 -20.05 -23.48
N ARG B 54 -5.64 -19.83 -22.29
CA ARG B 54 -4.50 -18.95 -22.12
C ARG B 54 -3.35 -19.70 -21.46
N THR B 55 -2.13 -19.19 -21.65
CA THR B 55 -0.92 -19.87 -21.22
C THR B 55 -0.45 -19.40 -19.86
N LEU B 56 0.49 -20.14 -19.30
CA LEU B 56 1.06 -19.77 -18.00
C LEU B 56 1.91 -18.50 -18.09
N SER B 57 2.64 -18.34 -19.19
CA SER B 57 3.48 -17.15 -19.35
C SER B 57 2.63 -15.89 -19.49
N ASP B 58 1.39 -16.03 -19.97
CA ASP B 58 0.52 -14.86 -20.09
C ASP B 58 0.08 -14.37 -18.72
N TYR B 59 -0.17 -15.29 -17.79
CA TYR B 59 -0.50 -14.95 -16.41
C TYR B 59 0.75 -14.74 -15.56
N ASN B 60 1.95 -14.80 -16.13
CA ASN B 60 3.20 -14.47 -15.38
C ASN B 60 3.45 -15.45 -14.26
N ILE B 61 3.10 -16.71 -14.47
CA ILE B 61 3.31 -17.80 -13.47
C ILE B 61 4.71 -18.33 -13.75
N GLN B 62 5.50 -18.49 -12.71
CA GLN B 62 6.91 -18.84 -12.91
C GLN B 62 7.25 -20.19 -12.29
N LYS B 63 8.52 -20.40 -11.97
CA LYS B 63 8.98 -21.73 -11.56
C LYS B 63 8.34 -22.31 -10.31
N GLU B 64 8.25 -21.58 -9.21
CA GLU B 64 7.75 -22.22 -7.97
C GLU B 64 6.51 -21.48 -7.55
N SER B 65 5.76 -21.01 -8.55
CA SER B 65 4.51 -20.28 -8.25
C SER B 65 3.46 -21.27 -7.75
N THR B 66 2.57 -20.80 -6.88
CA THR B 66 1.55 -21.66 -6.29
C THR B 66 0.18 -21.19 -6.72
N LEU B 67 -0.54 -22.04 -7.47
CA LEU B 67 -1.91 -21.76 -7.84
C LEU B 67 -2.86 -22.33 -6.79
N HIS B 68 -4.15 -22.04 -6.96
CA HIS B 68 -5.17 -22.51 -6.02
C HIS B 68 -6.25 -23.29 -6.79
N LEU B 69 -6.52 -24.51 -6.34
CA LEU B 69 -7.59 -25.32 -6.87
C LEU B 69 -8.78 -25.20 -5.93
N VAL B 70 -9.73 -24.35 -6.28
CA VAL B 70 -10.92 -24.09 -5.47
C VAL B 70 -12.07 -24.88 -6.05
N LEU B 71 -12.69 -25.73 -5.23
CA LEU B 71 -13.74 -26.63 -5.68
C LEU B 71 -15.11 -26.14 -5.22
N ARG B 72 -16.11 -26.42 -6.03
CA ARG B 72 -17.49 -26.07 -5.69
C ARG B 72 -17.99 -26.94 -4.55
N LEU B 73 -18.50 -26.29 -3.50
CA LEU B 73 -19.02 -26.98 -2.33
C LEU B 73 -20.55 -26.98 -2.37
N ARG B 74 -21.14 -28.17 -2.23
CA ARG B 74 -22.58 -28.34 -2.17
C ARG B 74 -22.91 -29.32 -1.06
N GLY B 75 -24.04 -29.08 -0.38
CA GLY B 75 -24.44 -29.93 0.73
C GLY B 75 -25.90 -29.84 1.09
N ASP C 2 7.72 -13.08 14.37
CA ASP C 2 6.92 -14.03 15.18
C ASP C 2 6.86 -13.64 16.66
N PHE C 3 7.74 -12.74 17.13
CA PHE C 3 7.81 -12.36 18.56
C PHE C 3 6.57 -11.62 19.04
N LEU C 4 6.14 -10.65 18.25
CA LEU C 4 5.00 -9.81 18.64
C LEU C 4 3.78 -10.67 18.44
N GLU C 5 3.90 -11.62 17.52
CA GLU C 5 2.80 -12.56 17.34
C GLU C 5 2.66 -13.46 18.57
N GLY C 6 3.79 -13.83 19.19
CA GLY C 6 3.75 -14.73 20.34
C GLY C 6 3.36 -14.08 21.65
N ILE C 7 3.33 -12.76 21.71
CA ILE C 7 2.89 -12.06 22.91
C ILE C 7 1.48 -12.49 23.24
N THR C 8 1.27 -12.95 24.47
CA THR C 8 -0.04 -13.43 24.89
C THR C 8 -0.85 -12.27 25.48
N TRP C 9 -2.09 -12.13 25.02
CA TRP C 9 -2.96 -11.04 25.41
C TRP C 9 -4.07 -11.54 26.34
N ASP C 10 -4.40 -10.73 27.34
CA ASP C 10 -5.43 -11.06 28.31
C ASP C 10 -6.60 -10.09 28.12
N SER C 11 -7.73 -10.62 27.67
CA SER C 11 -8.90 -9.78 27.42
C SER C 11 -9.39 -9.15 28.72
N VAL C 12 -9.49 -7.82 28.73
CA VAL C 12 -10.12 -7.11 29.83
C VAL C 12 -11.53 -6.64 29.49
N SER C 13 -11.87 -6.52 28.20
CA SER C 13 -13.22 -6.19 27.77
C SER C 13 -13.45 -6.85 26.42
N ASP C 14 -14.49 -6.40 25.71
CA ASP C 14 -14.74 -6.95 24.38
C ASP C 14 -13.71 -6.43 23.37
N ILE C 15 -13.19 -5.23 23.56
CA ILE C 15 -12.32 -4.61 22.57
C ILE C 15 -10.87 -4.61 23.06
N GLN C 16 -10.68 -4.56 24.37
CA GLN C 16 -9.37 -4.28 24.95
C GLN C 16 -8.75 -5.55 25.54
N SER C 17 -7.45 -5.69 25.32
CA SER C 17 -6.65 -6.75 25.92
C SER C 17 -5.38 -6.13 26.49
N VAL C 18 -4.72 -6.86 27.39
CA VAL C 18 -3.55 -6.35 28.08
C VAL C 18 -2.44 -7.39 28.06
N SER C 19 -1.21 -6.90 28.25
CA SER C 19 -0.03 -7.73 28.36
C SER C 19 1.07 -6.89 28.98
N ASN C 20 2.07 -7.56 29.55
CA ASN C 20 3.24 -6.91 30.11
C ASN C 20 4.49 -7.50 29.46
N PRO C 21 4.74 -7.17 28.20
CA PRO C 21 5.91 -7.72 27.51
C PRO C 21 7.15 -6.88 27.74
N SER C 22 8.30 -7.53 27.58
CA SER C 22 9.60 -6.89 27.75
C SER C 22 10.38 -7.00 26.45
N PHE C 23 10.58 -5.87 25.79
CA PHE C 23 11.51 -5.77 24.67
C PHE C 23 11.82 -4.30 24.45
N THR C 24 12.81 -4.05 23.60
CA THR C 24 13.19 -2.70 23.21
C THR C 24 12.44 -2.33 21.94
N ILE C 25 11.71 -1.21 21.99
CA ILE C 25 10.83 -0.84 20.87
C ILE C 25 11.64 -0.65 19.59
N THR C 26 12.91 -0.26 19.70
CA THR C 26 13.74 -0.08 18.52
C THR C 26 14.10 -1.40 17.87
N ASP C 27 13.96 -2.52 18.59
CA ASP C 27 14.27 -3.82 18.01
C ASP C 27 13.26 -4.23 16.95
N TYR C 28 12.04 -3.69 17.00
CA TYR C 28 10.99 -4.11 16.08
C TYR C 28 10.20 -2.97 15.47
N PHE C 29 10.48 -1.71 15.84
CA PHE C 29 9.68 -0.60 15.37
C PHE C 29 10.56 0.58 15.01
N GLU C 30 9.97 1.50 14.24
CA GLU C 30 10.57 2.79 13.91
C GLU C 30 9.69 3.87 14.52
N VAL C 31 10.32 4.82 15.22
CA VAL C 31 9.60 5.82 15.98
C VAL C 31 9.49 7.08 15.14
N VAL C 32 8.26 7.43 14.77
CA VAL C 32 7.96 8.71 14.12
C VAL C 32 7.44 9.64 15.21
N ARG C 33 8.28 10.58 15.64
CA ARG C 33 7.91 11.48 16.72
C ARG C 33 6.84 12.47 16.28
N GLN C 34 5.96 12.84 17.20
CA GLN C 34 4.85 13.74 16.94
C GLN C 34 4.91 14.92 17.91
N PRO C 35 4.38 16.09 17.53
CA PRO C 35 4.65 17.31 18.30
C PRO C 35 3.96 17.33 19.65
N ALA C 36 4.43 18.26 20.49
CA ALA C 36 3.86 18.48 21.83
C ALA C 36 2.84 19.61 21.76
N ASP C 37 1.74 19.32 21.06
CA ASP C 37 0.66 20.28 20.87
C ASP C 37 -0.62 19.87 21.60
N GLY C 38 -0.63 18.72 22.28
CA GLY C 38 -1.83 18.21 22.87
C GLY C 38 -2.68 17.34 21.95
N ASN C 39 -2.39 17.34 20.64
CA ASN C 39 -3.15 16.57 19.68
C ASN C 39 -2.36 15.38 19.16
N CYS C 40 -1.33 14.96 19.90
CA CYS C 40 -0.34 14.05 19.32
C CYS C 40 -0.89 12.63 19.17
N PHE C 41 -1.87 12.24 19.99
CA PHE C 41 -2.51 10.94 19.80
C PHE C 41 -3.13 10.86 18.41
N TYR C 42 -3.80 11.94 18.00
CA TYR C 42 -4.43 11.98 16.66
C TYR C 42 -3.32 12.16 15.61
N HIS C 43 -2.27 12.85 15.86
CA HIS C 43 -1.14 13.00 14.90
C HIS C 43 -0.47 11.64 14.71
N SER C 44 -0.28 10.90 15.86
CA SER C 44 0.34 9.55 15.74
C SER C 44 -0.53 8.67 14.84
N LEU C 45 -1.86 8.74 15.01
CA LEU C 45 -2.78 7.96 14.17
C LEU C 45 -2.73 8.49 12.74
N ALA C 46 -2.49 9.80 12.58
CA ALA C 46 -2.48 10.37 11.23
C ALA C 46 -1.30 9.83 10.42
N GLU C 47 -0.16 9.58 11.07
CA GLU C 47 1.01 9.06 10.37
C GLU C 47 0.75 7.65 9.85
N LEU C 48 -0.15 6.91 10.47
CA LEU C 48 -0.38 5.52 10.14
C LEU C 48 -1.60 5.29 9.26
N TYR C 49 -2.58 6.19 9.32
CA TYR C 49 -3.87 5.99 8.60
C TYR C 49 -4.05 7.00 7.47
N ILE C 50 -3.39 8.15 7.52
CA ILE C 50 -3.65 9.18 6.47
C ILE C 50 -2.44 9.28 5.54
N PRO C 51 -2.63 9.01 4.22
CA PRO C 51 -1.54 9.08 3.23
C PRO C 51 -0.95 10.49 3.04
N ASN C 52 -1.78 11.50 3.20
CA ASN C 52 -1.37 12.88 2.97
C ASN C 52 -0.77 13.34 4.26
N LYS C 53 0.54 13.29 4.37
CA LYS C 53 1.09 13.63 5.68
C LYS C 53 1.10 15.15 5.78
N SER C 54 0.20 15.72 6.58
CA SER C 54 0.11 17.20 6.72
C SER C 54 0.29 17.59 8.18
N ASP C 55 0.65 18.86 8.45
CA ASP C 55 0.76 19.33 9.85
C ASP C 55 -0.62 19.26 10.49
N HIS C 56 -1.67 19.56 9.74
CA HIS C 56 -3.05 19.57 10.30
C HIS C 56 -3.83 18.32 9.88
N ALA C 57 -3.15 17.27 9.42
CA ALA C 57 -3.87 16.04 9.08
C ALA C 57 -4.44 15.35 10.31
N TYR C 58 -4.09 15.79 11.51
CA TYR C 58 -4.66 15.20 12.73
C TYR C 58 -6.15 15.47 12.83
N ARG C 59 -6.62 16.57 12.24
CA ARG C 59 -8.04 16.92 12.35
C ARG C 59 -8.92 15.94 11.59
N LEU C 60 -8.42 15.38 10.49
CA LEU C 60 -9.20 14.38 9.75
C LEU C 60 -9.38 13.11 10.57
N VAL C 61 -8.41 12.78 11.42
CA VAL C 61 -8.58 11.65 12.33
C VAL C 61 -9.58 11.99 13.41
N LYS C 62 -9.65 13.26 13.82
CA LYS C 62 -10.62 13.67 14.83
C LYS C 62 -12.05 13.61 14.30
N ASN C 63 -12.23 13.77 12.99
CA ASN C 63 -13.58 13.70 12.42
C ASN C 63 -14.17 12.31 12.60
N GLU C 64 -13.37 11.26 12.40
CA GLU C 64 -13.88 9.90 12.54
C GLU C 64 -14.20 9.57 13.99
N LEU C 65 -13.52 10.23 14.93
CA LEU C 65 -13.84 10.03 16.35
C LEU C 65 -15.28 10.46 16.65
N ARG C 66 -15.72 11.55 16.04
CA ARG C 66 -17.08 12.01 16.22
C ARG C 66 -18.08 10.98 15.71
N GLU C 67 -17.80 10.38 14.56
CA GLU C 67 -18.65 9.31 14.04
C GLU C 67 -18.57 8.07 14.93
N ALA C 68 -17.43 7.84 15.57
CA ALA C 68 -17.27 6.66 16.41
C ALA C 68 -17.97 6.82 17.75
N ALA C 69 -17.96 8.04 18.31
CA ALA C 69 -18.48 8.24 19.65
C ALA C 69 -20.00 8.11 19.67
N GLU C 70 -20.69 8.79 18.75
CA GLU C 70 -22.15 8.70 18.71
C GLU C 70 -22.61 7.26 18.53
N LYS C 71 -21.80 6.45 17.85
CA LYS C 71 -22.14 5.05 17.64
C LYS C 71 -21.79 4.19 18.84
N TYR C 72 -20.69 4.51 19.54
CA TYR C 72 -20.13 3.59 20.53
C TYR C 72 -19.92 4.18 21.92
N PHE C 73 -19.76 5.50 22.07
CA PHE C 73 -19.46 6.06 23.39
C PHE C 73 -20.49 5.69 24.47
N PRO C 74 -21.80 5.64 24.19
CA PRO C 74 -22.74 5.23 25.26
C PRO C 74 -22.46 3.85 25.83
N THR C 75 -21.98 2.90 25.01
CA THR C 75 -21.77 1.53 25.45
C THR C 75 -20.31 1.19 25.72
N GLU C 76 -19.41 2.15 25.58
CA GLU C 76 -18.00 1.84 25.75
C GLU C 76 -17.63 1.71 27.24
N PRO C 77 -16.82 0.69 27.60
CA PRO C 77 -16.45 0.46 29.00
C PRO C 77 -15.65 1.59 29.61
N GLU C 78 -14.58 1.99 28.92
CA GLU C 78 -13.73 3.05 29.45
C GLU C 78 -14.50 4.36 29.60
N ALA C 79 -15.57 4.52 28.85
CA ALA C 79 -16.32 5.81 28.83
C ALA C 79 -17.17 5.96 30.08
N ALA C 80 -17.50 4.85 30.70
CA ALA C 80 -18.35 4.88 31.88
C ALA C 80 -17.64 5.62 33.03
N ALA C 81 -16.32 5.48 33.15
CA ALA C 81 -15.57 6.11 34.24
C ALA C 81 -15.78 7.61 34.19
N THR C 82 -15.64 8.20 33.00
CA THR C 82 -15.89 9.64 32.85
C THR C 82 -17.35 9.86 33.28
N GLY C 83 -17.69 11.02 33.81
CA GLY C 83 -19.11 11.24 34.14
C GLY C 83 -19.82 11.87 32.96
N MET C 84 -19.09 12.16 31.88
CA MET C 84 -19.65 12.84 30.69
C MET C 84 -20.46 11.90 29.80
N ARG C 85 -21.35 12.43 28.96
CA ARG C 85 -22.15 11.63 28.02
C ARG C 85 -21.63 12.01 26.65
N LEU C 86 -22.43 11.88 25.62
CA LEU C 86 -21.93 12.15 24.26
C LEU C 86 -21.62 13.62 23.97
N ASP C 87 -22.50 14.56 24.30
CA ASP C 87 -22.25 15.97 23.89
C ASP C 87 -21.10 16.48 24.74
N GLU C 88 -21.15 16.20 26.01
CA GLU C 88 -20.11 16.75 26.88
C GLU C 88 -18.74 16.23 26.49
N TYR C 89 -18.67 14.97 26.07
CA TYR C 89 -17.40 14.39 25.62
C TYR C 89 -16.93 15.04 24.32
N LEU C 90 -17.79 15.05 23.30
CA LEU C 90 -17.42 15.63 22.02
C LEU C 90 -17.11 17.11 22.14
N ASP C 91 -17.79 17.82 23.04
CA ASP C 91 -17.47 19.22 23.27
C ASP C 91 -16.11 19.38 23.93
N THR C 92 -15.69 18.39 24.71
CA THR C 92 -14.35 18.43 25.29
C THR C 92 -13.32 17.86 24.32
N ALA C 93 -13.65 16.76 23.64
CA ALA C 93 -12.68 16.03 22.85
C ALA C 93 -12.39 16.72 21.51
N LEU C 94 -13.43 17.16 20.81
CA LEU C 94 -13.24 17.75 19.49
C LEU C 94 -12.55 19.11 19.53
N ARG C 95 -12.40 19.70 20.72
CA ARG C 95 -11.65 20.94 20.83
C ARG C 95 -10.16 20.68 20.60
N ASP C 96 -9.47 21.69 20.08
CA ASP C 96 -8.07 21.54 19.74
C ASP C 96 -7.20 21.50 20.99
N ASN C 97 -5.99 20.97 20.83
CA ASN C 97 -5.01 20.82 21.89
C ASN C 97 -5.54 20.00 23.06
N GLU C 98 -6.56 19.17 22.81
CA GLU C 98 -7.14 18.31 23.83
C GLU C 98 -6.54 16.92 23.74
N TRP C 99 -6.20 16.34 24.88
CA TRP C 99 -5.50 15.07 24.91
C TRP C 99 -6.44 13.92 24.57
N GLY C 100 -5.87 12.86 23.98
CA GLY C 100 -6.61 11.66 23.66
C GLY C 100 -5.83 10.42 24.07
N GLY C 101 -6.48 9.28 23.91
CA GLY C 101 -5.82 8.02 24.26
C GLY C 101 -6.64 6.76 24.15
N SER C 102 -6.74 6.02 25.25
CA SER C 102 -7.27 4.66 25.20
C SER C 102 -8.77 4.63 24.89
N LEU C 103 -9.53 5.56 25.45
CA LEU C 103 -10.95 5.62 25.17
C LEU C 103 -11.21 5.88 23.69
N GLU C 104 -10.48 6.85 23.11
CA GLU C 104 -10.59 7.13 21.69
C GLU C 104 -10.10 5.94 20.87
N ALA C 105 -9.04 5.29 21.32
CA ALA C 105 -8.48 4.17 20.57
C ALA C 105 -9.49 3.01 20.48
N ALA C 106 -10.27 2.80 21.53
CA ALA C 106 -11.26 1.73 21.50
C ALA C 106 -12.41 2.04 20.54
N MET C 107 -12.90 3.27 20.56
CA MET C 107 -14.04 3.63 19.71
C MET C 107 -13.63 3.67 18.24
N LEU C 108 -12.44 4.18 17.95
CA LEU C 108 -11.99 4.24 16.56
C LEU C 108 -11.73 2.85 16.00
N SER C 109 -11.30 1.91 16.84
CA SER C 109 -11.04 0.56 16.37
C SER C 109 -12.32 -0.14 15.95
N ARG C 110 -13.40 0.04 16.71
CA ARG C 110 -14.69 -0.52 16.30
C ARG C 110 -15.18 0.11 15.00
N HIS C 111 -15.02 1.43 14.87
CA HIS C 111 -15.58 2.14 13.73
C HIS C 111 -14.79 1.88 12.46
N LEU C 112 -13.46 1.94 12.54
CA LEU C 112 -12.59 1.84 11.39
C LEU C 112 -12.22 0.42 11.03
N GLY C 113 -12.64 -0.57 11.82
CA GLY C 113 -12.27 -1.95 11.54
C GLY C 113 -10.78 -2.19 11.60
N LEU C 114 -10.08 -1.50 12.49
CA LEU C 114 -8.63 -1.58 12.60
C LEU C 114 -8.23 -2.03 14.00
N THR C 115 -7.03 -2.60 14.09
CA THR C 115 -6.46 -3.05 15.35
C THR C 115 -5.44 -2.02 15.81
N VAL C 116 -5.67 -1.41 16.96
CA VAL C 116 -4.81 -0.37 17.51
C VAL C 116 -4.13 -0.92 18.75
N VAL C 117 -2.80 -0.81 18.81
CA VAL C 117 -2.01 -1.29 19.93
C VAL C 117 -1.20 -0.13 20.48
N ILE C 118 -1.30 0.09 21.79
CA ILE C 118 -0.54 1.12 22.48
C ILE C 118 0.54 0.44 23.32
N TRP C 119 1.79 0.83 23.09
CA TRP C 119 2.94 0.27 23.80
C TRP C 119 3.49 1.33 24.75
N LEU C 120 3.43 1.03 26.06
CA LEU C 120 4.00 1.89 27.08
C LEU C 120 5.48 1.59 27.25
N VAL C 121 6.29 2.64 27.43
CA VAL C 121 7.73 2.50 27.52
C VAL C 121 8.25 3.30 28.70
N ASP C 122 9.54 3.12 28.98
CA ASP C 122 10.27 3.85 29.99
C ASP C 122 11.30 4.75 29.29
N GLY C 123 12.32 5.17 30.04
CA GLY C 123 13.30 6.11 29.50
C GLY C 123 14.14 5.53 28.39
N SER C 124 14.55 4.27 28.53
CA SER C 124 15.39 3.60 27.55
C SER C 124 14.57 2.93 26.45
N ASN C 125 13.31 3.33 26.28
CA ASN C 125 12.40 2.75 25.28
C ASN C 125 12.31 1.23 25.42
N ARG C 126 12.26 0.81 26.67
CA ARG C 126 11.94 -0.62 26.97
CA ARG C 126 11.95 -0.63 26.97
C ARG C 126 10.44 -0.77 27.37
N VAL C 127 9.82 -1.78 26.79
CA VAL C 127 8.39 -1.94 26.96
C VAL C 127 8.09 -2.46 28.35
N VAL C 128 7.22 -1.75 29.09
CA VAL C 128 6.77 -2.21 30.40
C VAL C 128 5.35 -2.76 30.35
N GLY C 129 4.58 -2.45 29.32
CA GLY C 129 3.22 -2.94 29.19
C GLY C 129 2.69 -2.61 27.82
N ALA C 130 1.57 -3.22 27.48
CA ALA C 130 0.96 -3.00 26.18
C ALA C 130 -0.53 -3.34 26.26
N THR C 131 -1.35 -2.52 25.61
CA THR C 131 -2.77 -2.78 25.49
C THR C 131 -3.16 -2.79 24.02
N ARG C 132 -4.01 -3.74 23.66
CA ARG C 132 -4.42 -3.93 22.27
C ARG C 132 -5.93 -3.75 22.16
N PHE C 133 -6.35 -2.88 21.24
CA PHE C 133 -7.75 -2.66 20.94
C PHE C 133 -8.03 -3.31 19.58
N GLY C 134 -8.88 -4.33 19.58
CA GLY C 134 -9.04 -5.19 18.43
C GLY C 134 -8.32 -6.52 18.63
N LYS C 135 -8.57 -7.43 17.69
CA LYS C 135 -8.03 -8.78 17.79
C LYS C 135 -7.45 -9.26 16.46
N GLY C 136 -7.01 -8.36 15.60
CA GLY C 136 -6.44 -8.73 14.32
C GLY C 136 -4.94 -8.94 14.40
N SER C 137 -4.34 -9.18 13.24
CA SER C 137 -2.90 -9.34 13.16
C SER C 137 -2.20 -8.04 13.49
N LEU C 138 -1.00 -8.16 14.07
CA LEU C 138 -0.20 -6.98 14.36
C LEU C 138 0.53 -6.45 13.13
N LYS C 139 0.51 -7.17 12.01
CA LYS C 139 1.15 -6.70 10.79
C LYS C 139 0.30 -5.65 10.07
N THR C 140 -1.02 -5.75 10.17
CA THR C 140 -1.92 -4.75 9.62
C THR C 140 -2.37 -3.74 10.67
N ALA C 141 -1.86 -3.84 11.90
CA ALA C 141 -2.30 -3.00 13.00
C ALA C 141 -1.59 -1.65 12.97
N LEU C 142 -2.15 -0.71 13.72
CA LEU C 142 -1.57 0.61 13.90
C LEU C 142 -0.96 0.69 15.29
N HIS C 143 0.32 1.01 15.36
CA HIS C 143 1.09 0.93 16.61
C HIS C 143 1.44 2.33 17.09
N LEU C 144 1.14 2.60 18.36
CA LEU C 144 1.40 3.88 18.99
C LEU C 144 2.37 3.71 20.15
N LEU C 145 3.26 4.67 20.33
CA LEU C 145 4.24 4.65 21.39
C LEU C 145 3.80 5.63 22.49
N HIS C 146 3.63 5.10 23.70
CA HIS C 146 3.19 5.89 24.85
C HIS C 146 4.37 6.06 25.81
N SER C 147 4.76 7.30 26.05
CA SER C 147 5.96 7.62 26.81
C SER C 147 5.61 8.50 28.00
N GLY C 148 6.02 8.05 29.20
CA GLY C 148 5.83 8.82 30.42
C GLY C 148 4.39 9.09 30.79
N LEU C 149 3.43 8.35 30.22
CA LEU C 149 2.01 8.52 30.49
C LEU C 149 1.49 9.90 30.09
N THR C 150 2.23 10.63 29.26
CA THR C 150 1.80 11.95 28.81
C THR C 150 2.00 12.21 27.33
N HIS C 151 2.69 11.35 26.59
CA HIS C 151 2.96 11.59 25.18
C HIS C 151 2.64 10.34 24.37
N PHE C 152 2.21 10.57 23.12
CA PHE C 152 1.95 9.50 22.17
C PHE C 152 2.76 9.75 20.91
N ASP C 153 3.48 8.73 20.45
CA ASP C 153 4.22 8.78 19.20
C ASP C 153 3.83 7.59 18.33
N ALA C 154 4.12 7.71 17.04
CA ALA C 154 3.74 6.70 16.08
C ALA C 154 4.89 5.72 15.84
N LEU C 155 4.54 4.44 15.72
CA LEU C 155 5.49 3.37 15.45
C LEU C 155 5.12 2.67 14.15
N ARG C 156 6.13 2.41 13.33
CA ARG C 156 5.99 1.63 12.11
C ARG C 156 6.88 0.41 12.19
N LEU C 157 6.34 -0.75 11.83
CA LEU C 157 7.13 -1.97 11.81
C LEU C 157 8.25 -1.85 10.78
N LEU C 158 9.34 -2.56 11.03
CA LEU C 158 10.55 -2.46 10.19
C LEU C 158 10.41 -3.24 8.88
N ALA C 159 9.65 -4.32 8.86
CA ALA C 159 9.59 -5.08 7.60
C ALA C 159 8.91 -4.28 6.52
N THR C 160 9.41 -4.38 5.29
CA THR C 160 8.75 -3.71 4.16
C THR C 160 7.99 -4.76 3.36
N MET D 1 -5.49 -13.70 52.59
CA MET D 1 -5.43 -13.75 51.13
C MET D 1 -4.57 -12.59 50.66
N GLN D 2 -3.32 -12.86 50.30
CA GLN D 2 -2.55 -11.75 49.71
C GLN D 2 -2.83 -11.83 48.22
N ILE D 3 -3.72 -10.99 47.70
CA ILE D 3 -3.93 -10.97 46.23
C ILE D 3 -2.86 -10.11 45.58
N PHE D 4 -2.71 -10.24 44.27
CA PHE D 4 -1.72 -9.44 43.52
C PHE D 4 -2.43 -8.68 42.39
N VAL D 5 -2.18 -7.39 42.29
CA VAL D 5 -2.83 -6.56 41.23
C VAL D 5 -1.77 -6.04 40.27
N LYS D 6 -1.93 -6.34 38.97
CA LYS D 6 -0.97 -5.94 37.96
C LYS D 6 -1.47 -4.73 37.18
N THR D 7 -0.54 -3.89 36.76
CA THR D 7 -0.84 -2.66 36.04
C THR D 7 -0.02 -2.61 34.76
N LEU D 8 -0.50 -1.79 33.80
CA LEU D 8 0.23 -1.61 32.55
C LEU D 8 1.56 -0.91 32.73
N THR D 9 1.79 -0.28 33.89
CA THR D 9 3.10 0.29 34.19
C THR D 9 4.12 -0.76 34.59
N GLY D 10 3.70 -2.02 34.70
CA GLY D 10 4.57 -3.08 35.15
C GLY D 10 4.56 -3.33 36.65
N LYS D 11 3.88 -2.49 37.42
CA LYS D 11 3.93 -2.60 38.87
C LYS D 11 2.98 -3.68 39.37
N THR D 12 3.42 -4.41 40.40
CA THR D 12 2.59 -5.40 41.08
C THR D 12 2.22 -4.86 42.45
N ILE D 13 0.94 -4.66 42.69
CA ILE D 13 0.43 -4.18 43.98
C ILE D 13 -0.12 -5.38 44.73
N THR D 14 0.56 -5.75 45.82
CA THR D 14 0.09 -6.84 46.70
C THR D 14 -0.80 -6.21 47.77
N LEU D 15 -2.08 -6.51 47.70
CA LEU D 15 -3.03 -6.02 48.72
C LEU D 15 -3.36 -7.20 49.62
N GLU D 16 -3.31 -7.03 50.95
CA GLU D 16 -3.70 -8.11 51.90
C GLU D 16 -5.21 -8.03 52.10
N VAL D 17 -5.93 -9.05 51.67
CA VAL D 17 -7.40 -8.94 51.70
C VAL D 17 -7.95 -10.15 52.44
N GLU D 18 -9.26 -10.15 52.69
CA GLU D 18 -9.89 -11.22 53.48
C GLU D 18 -11.06 -11.67 52.61
N PRO D 19 -11.66 -12.86 52.82
CA PRO D 19 -12.67 -13.36 51.89
C PRO D 19 -13.92 -12.50 51.60
N SER D 20 -14.48 -11.84 52.61
CA SER D 20 -15.74 -11.10 52.41
C SER D 20 -15.49 -9.61 52.19
N ASP D 21 -14.25 -9.23 51.91
CA ASP D 21 -14.01 -7.83 51.60
C ASP D 21 -14.59 -7.45 50.24
N THR D 22 -15.21 -6.28 50.18
CA THR D 22 -15.91 -5.82 48.98
C THR D 22 -14.94 -5.29 47.94
N ILE D 23 -15.43 -5.19 46.70
CA ILE D 23 -14.59 -4.66 45.59
C ILE D 23 -14.33 -3.20 45.91
N GLU D 24 -15.31 -2.56 46.55
CA GLU D 24 -15.18 -1.15 46.95
C GLU D 24 -14.04 -1.02 47.95
N ASN D 25 -13.89 -1.99 48.85
CA ASN D 25 -12.81 -1.98 49.85
C ASN D 25 -11.49 -2.12 49.12
N VAL D 26 -11.44 -3.00 48.12
CA VAL D 26 -10.16 -3.20 47.44
C VAL D 26 -9.77 -1.94 46.68
N LYS D 27 -10.75 -1.25 46.11
CA LYS D 27 -10.46 -0.04 45.35
C LYS D 27 -9.89 1.05 46.25
N ALA D 28 -10.37 1.15 47.49
CA ALA D 28 -9.85 2.15 48.40
C ALA D 28 -8.43 1.82 48.83
N LYS D 29 -8.11 0.54 48.92
CA LYS D 29 -6.76 0.10 49.35
C LYS D 29 -5.76 0.42 48.25
N ILE D 30 -6.19 0.44 46.99
CA ILE D 30 -5.31 0.85 45.90
C ILE D 30 -5.19 2.36 45.86
N GLN D 31 -6.24 3.09 46.24
CA GLN D 31 -6.16 4.54 46.31
C GLN D 31 -5.20 4.98 47.41
N ASP D 32 -5.18 4.25 48.53
CA ASP D 32 -4.22 4.55 49.59
C ASP D 32 -2.79 4.25 49.15
N LYS D 33 -2.60 3.24 48.31
CA LYS D 33 -1.26 2.84 47.87
C LYS D 33 -0.82 3.55 46.60
N GLU D 34 -1.71 3.67 45.61
CA GLU D 34 -1.36 4.21 44.30
C GLU D 34 -1.94 5.58 44.01
N GLY D 35 -2.98 6.01 44.72
CA GLY D 35 -3.54 7.33 44.52
C GLY D 35 -4.53 7.46 43.39
N ILE D 36 -5.09 6.37 42.92
CA ILE D 36 -6.09 6.37 41.86
C ILE D 36 -7.48 6.27 42.51
N PRO D 37 -8.39 7.22 42.24
CA PRO D 37 -9.70 7.15 42.88
C PRO D 37 -10.48 5.93 42.40
N PRO D 38 -11.36 5.40 43.25
CA PRO D 38 -12.00 4.11 42.94
C PRO D 38 -12.82 4.09 41.66
N ASP D 39 -13.48 5.19 41.29
CA ASP D 39 -14.31 5.18 40.10
C ASP D 39 -13.51 5.31 38.81
N GLN D 40 -12.26 5.74 38.89
CA GLN D 40 -11.34 5.69 37.77
C GLN D 40 -10.53 4.40 37.76
N GLN D 41 -11.02 3.36 38.42
CA GLN D 41 -10.35 2.06 38.49
C GLN D 41 -11.24 1.00 37.87
N ARG D 42 -10.66 0.20 36.98
CA ARG D 42 -11.36 -0.91 36.35
C ARG D 42 -10.58 -2.18 36.68
N LEU D 43 -11.11 -2.98 37.61
CA LEU D 43 -10.48 -4.21 38.06
C LEU D 43 -11.08 -5.38 37.31
N ILE D 44 -10.23 -6.24 36.76
CA ILE D 44 -10.64 -7.34 35.91
C ILE D 44 -10.12 -8.65 36.49
N PHE D 45 -11.00 -9.64 36.59
CA PHE D 45 -10.64 -11.00 36.94
C PHE D 45 -11.30 -11.94 35.94
N ALA D 46 -10.48 -12.73 35.25
CA ALA D 46 -10.95 -13.72 34.27
C ALA D 46 -11.78 -13.06 33.17
N GLY D 47 -11.34 -11.89 32.73
CA GLY D 47 -11.93 -11.22 31.58
C GLY D 47 -13.18 -10.41 31.86
N LYS D 48 -13.59 -10.27 33.12
CA LYS D 48 -14.76 -9.49 33.48
C LYS D 48 -14.38 -8.40 34.47
N GLN D 49 -15.04 -7.25 34.35
CA GLN D 49 -14.78 -6.15 35.27
C GLN D 49 -15.55 -6.37 36.56
N LEU D 50 -14.85 -6.31 37.69
CA LEU D 50 -15.47 -6.48 39.00
C LEU D 50 -16.13 -5.17 39.40
N GLU D 51 -17.45 -5.18 39.52
CA GLU D 51 -18.21 -3.97 39.78
C GLU D 51 -18.58 -3.89 41.26
N ASP D 52 -19.03 -2.70 41.67
CA ASP D 52 -19.48 -2.47 43.03
C ASP D 52 -20.75 -3.25 43.32
N GLY D 53 -20.96 -3.56 44.59
CA GLY D 53 -22.11 -4.34 45.00
C GLY D 53 -21.85 -5.82 45.14
N ARG D 54 -20.61 -6.28 44.96
CA ARG D 54 -20.25 -7.68 45.09
C ARG D 54 -18.97 -7.81 45.88
N THR D 55 -18.66 -9.03 46.29
CA THR D 55 -17.45 -9.34 47.05
C THR D 55 -16.49 -10.15 46.18
N LEU D 56 -15.29 -10.35 46.71
CA LEU D 56 -14.33 -11.23 46.06
C LEU D 56 -14.87 -12.65 45.99
N SER D 57 -15.60 -13.07 47.03
CA SER D 57 -16.15 -14.42 47.10
C SER D 57 -17.23 -14.64 46.04
N ASP D 58 -18.01 -13.62 45.72
CA ASP D 58 -18.98 -13.75 44.63
C ASP D 58 -18.26 -13.98 43.30
N TYR D 59 -17.14 -13.30 43.08
CA TYR D 59 -16.30 -13.55 41.92
C TYR D 59 -15.40 -14.76 42.13
N ASN D 60 -15.48 -15.36 43.31
CA ASN D 60 -14.71 -16.55 43.64
C ASN D 60 -13.23 -16.31 43.42
N ILE D 61 -12.77 -15.11 43.74
CA ILE D 61 -11.35 -14.83 43.69
C ILE D 61 -10.66 -15.62 44.80
N GLN D 62 -9.41 -15.96 44.56
CA GLN D 62 -8.71 -16.88 45.46
C GLN D 62 -7.44 -16.24 45.99
N LYS D 63 -6.73 -16.92 46.86
CA LYS D 63 -5.43 -16.43 47.37
C LYS D 63 -4.39 -16.54 46.27
N GLU D 64 -3.47 -15.58 46.20
CA GLU D 64 -2.40 -15.58 45.16
C GLU D 64 -3.01 -15.39 43.76
N SER D 65 -4.29 -15.01 43.68
CA SER D 65 -4.89 -14.71 42.36
C SER D 65 -4.45 -13.34 41.88
N THR D 66 -4.34 -13.19 40.57
CA THR D 66 -3.84 -11.93 40.01
C THR D 66 -4.97 -11.18 39.32
N LEU D 67 -5.07 -9.89 39.58
CA LEU D 67 -6.08 -9.02 38.99
C LEU D 67 -5.42 -7.98 38.10
N HIS D 68 -6.24 -7.27 37.33
CA HIS D 68 -5.77 -6.25 36.40
C HIS D 68 -6.41 -4.91 36.73
N LEU D 69 -5.58 -3.88 36.89
CA LEU D 69 -6.04 -2.51 37.03
C LEU D 69 -5.79 -1.79 35.72
N VAL D 70 -6.87 -1.51 34.99
CA VAL D 70 -6.77 -0.87 33.69
C VAL D 70 -6.79 0.65 33.88
N LEU D 71 -5.80 1.32 33.30
CA LEU D 71 -5.65 2.76 33.46
C LEU D 71 -6.22 3.48 32.24
N ARG D 72 -6.98 4.54 32.49
N ARG D 72 -6.84 4.63 32.51
CA ARG D 72 -7.34 5.47 31.42
CA ARG D 72 -7.33 5.49 31.41
C ARG D 72 -6.09 6.13 30.88
C ARG D 72 -6.10 6.20 30.85
N LEU D 73 -5.70 5.79 29.66
CA LEU D 73 -4.47 6.30 29.06
C LEU D 73 -4.77 7.55 28.26
N ARG D 74 -4.06 8.62 28.56
CA ARG D 74 -4.18 9.90 27.86
C ARG D 74 -2.81 10.48 27.63
N GLY D 75 -2.63 11.13 26.49
CA GLY D 75 -1.37 11.75 26.16
C GLY D 75 -1.55 13.08 25.46
N ASP E 2 -10.72 31.81 -25.32
CA ASP E 2 -10.74 30.63 -26.19
C ASP E 2 -11.56 29.49 -25.58
N PHE E 3 -12.40 28.84 -26.38
CA PHE E 3 -13.27 27.71 -25.96
C PHE E 3 -12.41 26.52 -25.54
N LEU E 4 -11.37 26.23 -26.29
CA LEU E 4 -10.49 25.08 -26.03
C LEU E 4 -9.75 25.29 -24.71
N GLU E 5 -9.34 26.51 -24.42
CA GLU E 5 -8.66 26.82 -23.14
C GLU E 5 -9.62 26.66 -21.95
N GLY E 6 -10.90 26.95 -22.13
CA GLY E 6 -11.88 26.82 -21.06
C GLY E 6 -12.27 25.38 -20.75
N ILE E 7 -11.99 24.44 -21.67
CA ILE E 7 -12.33 23.04 -21.43
C ILE E 7 -11.66 22.55 -20.16
N THR E 8 -12.44 21.92 -19.28
CA THR E 8 -11.93 21.42 -18.01
C THR E 8 -11.49 19.97 -18.16
N TRP E 9 -10.28 19.68 -17.70
CA TRP E 9 -9.65 18.38 -17.87
C TRP E 9 -9.59 17.66 -16.53
N ASP E 10 -10.07 16.42 -16.51
CA ASP E 10 -10.09 15.61 -15.30
C ASP E 10 -8.86 14.71 -15.26
N SER E 11 -8.20 14.67 -14.11
CA SER E 11 -6.89 14.00 -13.97
C SER E 11 -7.09 12.49 -13.87
N VAL E 12 -6.70 11.76 -14.91
CA VAL E 12 -6.68 10.30 -14.83
C VAL E 12 -5.51 9.85 -13.97
N SER E 13 -4.33 10.40 -14.24
CA SER E 13 -3.11 10.04 -13.53
C SER E 13 -2.29 11.30 -13.35
N ASP E 14 -0.98 11.13 -13.13
CA ASP E 14 -0.08 12.29 -12.93
C ASP E 14 0.30 12.92 -14.27
N ILE E 15 0.24 12.16 -15.37
CA ILE E 15 0.56 12.69 -16.69
C ILE E 15 -0.66 12.81 -17.59
N GLN E 16 -1.78 12.18 -17.24
CA GLN E 16 -2.89 12.05 -18.16
C GLN E 16 -4.13 12.76 -17.62
N SER E 17 -4.84 13.45 -18.52
CA SER E 17 -6.12 14.07 -18.23
C SER E 17 -7.15 13.57 -19.23
N VAL E 18 -8.43 13.76 -18.91
CA VAL E 18 -9.52 13.45 -19.83
C VAL E 18 -10.55 14.56 -19.80
N SER E 19 -11.19 14.76 -20.95
CA SER E 19 -12.34 15.64 -21.07
C SER E 19 -13.27 15.06 -22.13
N ASN E 20 -14.52 15.51 -22.10
CA ASN E 20 -15.52 15.12 -23.11
C ASN E 20 -16.13 16.39 -23.70
N PRO E 21 -15.37 17.10 -24.53
CA PRO E 21 -15.89 18.32 -25.15
C PRO E 21 -16.71 18.00 -26.40
N SER E 22 -17.44 19.01 -26.86
CA SER E 22 -18.36 18.86 -27.99
C SER E 22 -18.13 20.01 -28.98
N PHE E 23 -17.45 19.69 -30.07
CA PHE E 23 -17.27 20.61 -31.18
C PHE E 23 -16.77 19.81 -32.38
N THR E 24 -16.89 20.41 -33.56
CA THR E 24 -16.29 19.83 -34.75
C THR E 24 -14.81 20.21 -34.80
N ILE E 25 -13.95 19.21 -35.03
CA ILE E 25 -12.52 19.46 -34.96
C ILE E 25 -12.10 20.49 -36.00
N THR E 26 -12.88 20.64 -37.07
CA THR E 26 -12.58 21.66 -38.07
C THR E 26 -12.95 23.06 -37.61
N ASP E 27 -13.66 23.19 -36.48
CA ASP E 27 -13.96 24.53 -35.98
C ASP E 27 -12.70 25.24 -35.51
N TYR E 28 -11.69 24.50 -35.07
CA TYR E 28 -10.50 25.12 -34.50
C TYR E 28 -9.20 24.46 -34.93
N PHE E 29 -9.23 23.47 -35.82
CA PHE E 29 -8.02 22.77 -36.22
C PHE E 29 -8.01 22.56 -37.73
N GLU E 30 -6.80 22.30 -38.24
CA GLU E 30 -6.59 21.84 -39.61
C GLU E 30 -6.13 20.39 -39.56
N VAL E 31 -6.71 19.57 -40.43
CA VAL E 31 -6.46 18.14 -40.45
C VAL E 31 -5.40 17.83 -41.50
N VAL E 32 -4.28 17.28 -41.06
CA VAL E 32 -3.24 16.78 -41.95
C VAL E 32 -3.33 15.26 -41.90
N ARG E 33 -3.91 14.66 -42.95
CA ARG E 33 -4.11 13.22 -43.00
C ARG E 33 -2.79 12.49 -43.21
N GLN E 34 -2.70 11.30 -42.66
CA GLN E 34 -1.48 10.50 -42.63
C GLN E 34 -1.77 9.08 -43.12
N PRO E 35 -0.75 8.38 -43.62
CA PRO E 35 -1.01 7.13 -44.34
C PRO E 35 -1.53 6.02 -43.43
N ALA E 36 -2.19 5.05 -44.07
CA ALA E 36 -2.79 3.91 -43.38
C ALA E 36 -1.89 2.69 -43.50
N ASP E 37 -0.72 2.79 -42.86
CA ASP E 37 0.28 1.73 -42.90
C ASP E 37 0.51 1.10 -41.53
N GLY E 38 -0.34 1.39 -40.54
CA GLY E 38 -0.13 0.90 -39.20
C GLY E 38 0.84 1.72 -38.38
N ASN E 39 1.52 2.71 -38.98
CA ASN E 39 2.46 3.58 -38.28
C ASN E 39 1.95 5.01 -38.19
N CYS E 40 0.63 5.21 -38.27
CA CYS E 40 0.10 6.57 -38.40
C CYS E 40 0.26 7.38 -37.12
N PHE E 41 0.25 6.72 -35.95
CA PHE E 41 0.50 7.44 -34.71
C PHE E 41 1.87 8.12 -34.74
N TYR E 42 2.86 7.45 -35.30
CA TYR E 42 4.20 8.02 -35.40
C TYR E 42 4.34 8.93 -36.62
N HIS E 43 3.62 8.63 -37.70
CA HIS E 43 3.59 9.55 -38.83
C HIS E 43 3.03 10.91 -38.42
N SER E 44 1.99 10.91 -37.59
CA SER E 44 1.33 12.16 -37.22
C SER E 44 2.18 12.96 -36.24
N LEU E 45 2.85 12.29 -35.30
CA LEU E 45 3.75 12.98 -34.39
C LEU E 45 4.96 13.55 -35.14
N ALA E 46 5.38 12.89 -36.21
CA ALA E 46 6.55 13.34 -36.96
C ALA E 46 6.28 14.66 -37.67
N GLU E 47 5.04 14.86 -38.14
CA GLU E 47 4.71 16.09 -38.85
C GLU E 47 4.84 17.31 -37.93
N LEU E 48 4.52 17.15 -36.65
CA LEU E 48 4.43 18.28 -35.73
C LEU E 48 5.69 18.53 -34.94
N TYR E 49 6.60 17.56 -34.87
CA TYR E 49 7.77 17.63 -34.01
C TYR E 49 9.09 17.54 -34.76
N ILE E 50 9.14 16.75 -35.83
CA ILE E 50 10.37 16.58 -36.61
C ILE E 50 10.43 17.65 -37.69
N PRO E 51 11.56 18.34 -37.87
CA PRO E 51 11.56 19.49 -38.77
C PRO E 51 11.39 19.14 -40.24
N ASN E 52 11.99 18.02 -40.63
CA ASN E 52 12.04 17.68 -42.06
C ASN E 52 10.99 16.64 -42.45
N LYS E 53 10.07 17.05 -43.30
CA LYS E 53 9.04 16.11 -43.76
C LYS E 53 9.75 15.03 -44.56
N SER E 54 9.43 13.77 -44.30
CA SER E 54 10.21 12.68 -44.94
C SER E 54 9.34 11.50 -45.26
N ASP E 55 9.83 10.71 -46.19
CA ASP E 55 9.06 9.53 -46.64
C ASP E 55 8.91 8.60 -45.43
N HIS E 56 9.95 8.51 -44.59
CA HIS E 56 9.89 7.66 -43.37
C HIS E 56 10.53 8.40 -42.19
N ALA E 57 9.89 9.48 -41.70
CA ALA E 57 10.43 10.24 -40.55
C ALA E 57 9.81 9.65 -39.31
N TYR E 58 8.96 8.66 -39.51
CA TYR E 58 8.30 7.98 -38.39
C TYR E 58 9.35 7.19 -37.64
N ARG E 59 10.38 6.76 -38.36
CA ARG E 59 11.42 5.90 -37.76
C ARG E 59 12.20 6.71 -36.74
N LEU E 60 12.16 8.03 -36.86
CA LEU E 60 12.83 8.88 -35.88
C LEU E 60 12.02 9.04 -34.60
N VAL E 61 10.69 9.05 -34.70
CA VAL E 61 9.86 9.10 -33.51
C VAL E 61 9.82 7.74 -32.83
N LYS E 62 9.77 6.67 -33.62
CA LYS E 62 9.62 5.33 -33.08
C LYS E 62 10.91 4.79 -32.49
N ASN E 63 12.07 5.28 -32.93
CA ASN E 63 13.33 4.84 -32.34
C ASN E 63 13.51 5.34 -30.92
N GLU E 64 12.74 6.33 -30.48
CA GLU E 64 12.77 6.78 -29.09
C GLU E 64 11.96 5.88 -28.16
N LEU E 65 11.15 4.98 -28.71
CA LEU E 65 10.26 4.17 -27.88
C LEU E 65 11.05 3.20 -27.01
N ARG E 66 12.10 2.60 -27.56
CA ARG E 66 12.88 1.61 -26.80
C ARG E 66 13.42 2.21 -25.51
N GLU E 67 14.08 3.36 -25.60
CA GLU E 67 14.63 4.00 -24.41
C GLU E 67 13.54 4.62 -23.54
N ALA E 68 12.45 5.09 -24.15
CA ALA E 68 11.35 5.65 -23.36
C ALA E 68 10.61 4.56 -22.60
N ALA E 69 10.41 3.40 -23.24
CA ALA E 69 9.67 2.32 -22.58
C ALA E 69 10.48 1.70 -21.44
N GLU E 70 11.80 1.54 -21.63
CA GLU E 70 12.64 0.98 -20.59
C GLU E 70 12.61 1.82 -19.32
N LYS E 71 12.41 3.13 -19.45
CA LYS E 71 12.43 4.04 -18.32
C LYS E 71 11.08 4.16 -17.61
N TYR E 72 9.96 4.07 -18.34
CA TYR E 72 8.67 4.44 -17.77
C TYR E 72 7.59 3.37 -17.81
N PHE E 73 7.81 2.24 -18.50
CA PHE E 73 6.76 1.23 -18.60
C PHE E 73 6.35 0.65 -17.25
N PRO E 74 7.26 0.18 -16.38
CA PRO E 74 6.79 -0.39 -15.11
C PRO E 74 6.11 0.63 -14.21
N THR E 75 6.51 1.90 -14.26
CA THR E 75 5.84 2.92 -13.48
C THR E 75 4.52 3.35 -14.13
N GLU E 76 4.39 3.16 -15.44
CA GLU E 76 3.26 3.73 -16.17
C GLU E 76 1.96 3.09 -15.70
N PRO E 77 0.90 3.89 -15.49
CA PRO E 77 -0.39 3.29 -15.11
C PRO E 77 -1.06 2.56 -16.25
N GLU E 78 -1.03 3.12 -17.47
CA GLU E 78 -1.68 2.46 -18.60
C GLU E 78 -1.00 1.14 -18.94
N ALA E 79 0.30 1.03 -18.68
CA ALA E 79 1.00 -0.22 -18.94
C ALA E 79 0.50 -1.36 -18.06
N ALA E 80 -0.03 -1.03 -16.88
CA ALA E 80 -0.55 -2.08 -16.00
C ALA E 80 -1.78 -2.74 -16.61
N ALA E 81 -2.60 -1.98 -17.32
CA ALA E 81 -3.80 -2.51 -17.94
C ALA E 81 -3.50 -3.27 -19.24
N THR E 82 -2.27 -3.18 -19.76
CA THR E 82 -1.93 -3.94 -20.96
C THR E 82 -1.90 -5.43 -20.68
N GLY E 83 -1.56 -5.83 -19.46
CA GLY E 83 -1.33 -7.22 -19.15
C GLY E 83 0.01 -7.75 -19.60
N MET E 84 0.83 -6.92 -20.23
CA MET E 84 2.15 -7.31 -20.71
C MET E 84 3.24 -6.79 -19.78
N ARG E 85 4.34 -7.52 -19.72
CA ARG E 85 5.55 -7.02 -19.10
C ARG E 85 6.39 -6.30 -20.16
N LEU E 86 7.50 -5.71 -19.73
CA LEU E 86 8.31 -4.92 -20.67
C LEU E 86 8.90 -5.78 -21.77
N ASP E 87 9.19 -7.06 -21.48
CA ASP E 87 9.70 -7.96 -22.50
C ASP E 87 8.69 -8.13 -23.64
N GLU E 88 7.44 -8.44 -23.30
CA GLU E 88 6.43 -8.67 -24.33
C GLU E 88 6.06 -7.38 -25.05
N TYR E 89 6.15 -6.27 -24.36
CA TYR E 89 5.87 -4.97 -25.02
C TYR E 89 6.93 -4.69 -26.06
N LEU E 90 8.20 -4.68 -25.69
CA LEU E 90 9.24 -4.26 -26.66
C LEU E 90 9.21 -5.19 -27.86
N ASP E 91 8.92 -6.47 -27.62
CA ASP E 91 8.83 -7.49 -28.70
C ASP E 91 7.60 -7.26 -29.58
N THR E 92 6.59 -6.56 -29.07
CA THR E 92 5.43 -6.25 -29.93
C THR E 92 5.49 -4.80 -30.44
N ALA E 93 5.82 -3.84 -29.58
CA ALA E 93 5.75 -2.42 -29.94
C ALA E 93 6.69 -1.99 -31.05
N LEU E 94 7.91 -2.49 -31.08
CA LEU E 94 8.90 -1.99 -32.06
C LEU E 94 8.76 -2.73 -33.37
N ARG E 95 8.00 -3.82 -33.38
CA ARG E 95 7.75 -4.52 -34.65
C ARG E 95 7.12 -3.53 -35.61
N ASP E 96 7.24 -3.76 -36.92
CA ASP E 96 6.75 -2.82 -37.91
C ASP E 96 5.25 -2.91 -38.06
N ASN E 97 4.66 -1.80 -38.50
CA ASN E 97 3.22 -1.65 -38.67
C ASN E 97 2.47 -1.93 -37.36
N GLU E 98 3.16 -1.75 -36.24
CA GLU E 98 2.55 -1.91 -34.94
C GLU E 98 1.82 -0.64 -34.56
N TRP E 99 0.56 -0.78 -34.16
CA TRP E 99 -0.27 0.39 -33.88
C TRP E 99 0.16 1.04 -32.57
N GLY E 100 0.48 2.34 -32.64
CA GLY E 100 0.78 3.11 -31.46
C GLY E 100 -0.44 3.86 -30.96
N GLY E 101 -0.27 4.51 -29.80
CA GLY E 101 -1.37 5.24 -29.22
C GLY E 101 -1.13 5.88 -27.87
N SER E 102 -2.06 5.66 -26.94
CA SER E 102 -2.06 6.43 -25.69
C SER E 102 -0.92 6.02 -24.77
N LEU E 103 -0.62 4.72 -24.69
CA LEU E 103 0.50 4.27 -23.86
C LEU E 103 1.83 4.83 -24.39
N GLU E 104 2.02 4.77 -25.70
CA GLU E 104 3.23 5.36 -26.29
C GLU E 104 3.26 6.86 -26.08
N ALA E 105 2.11 7.52 -26.16
CA ALA E 105 2.07 8.98 -25.98
C ALA E 105 2.44 9.35 -24.55
N ALA E 106 1.98 8.59 -23.57
CA ALA E 106 2.28 8.91 -22.17
C ALA E 106 3.77 8.77 -21.88
N MET E 107 4.40 7.72 -22.41
CA MET E 107 5.81 7.51 -22.15
C MET E 107 6.67 8.48 -22.96
N LEU E 108 6.25 8.80 -24.18
CA LEU E 108 7.03 9.72 -25.00
C LEU E 108 6.86 11.17 -24.54
N SER E 109 5.74 11.48 -23.88
CA SER E 109 5.58 12.83 -23.33
C SER E 109 6.53 13.06 -22.17
N ARG E 110 6.68 12.06 -21.29
CA ARG E 110 7.66 12.15 -20.22
C ARG E 110 9.08 12.18 -20.78
N HIS E 111 9.32 11.44 -21.86
CA HIS E 111 10.68 11.22 -22.35
C HIS E 111 11.19 12.41 -23.16
N LEU E 112 10.42 12.83 -24.16
CA LEU E 112 10.85 13.89 -25.08
C LEU E 112 10.39 15.28 -24.66
N GLY E 113 9.79 15.41 -23.47
CA GLY E 113 9.36 16.71 -22.98
C GLY E 113 8.32 17.38 -23.84
N LEU E 114 7.29 16.63 -24.24
CA LEU E 114 6.22 17.14 -25.09
C LEU E 114 4.88 16.92 -24.40
N THR E 115 3.89 17.69 -24.84
CA THR E 115 2.52 17.55 -24.38
C THR E 115 1.66 17.08 -25.54
N VAL E 116 0.95 15.96 -25.34
CA VAL E 116 0.18 15.32 -26.39
C VAL E 116 -1.28 15.31 -26.00
N VAL E 117 -2.14 15.79 -26.90
CA VAL E 117 -3.58 15.77 -26.73
C VAL E 117 -4.18 14.96 -27.88
N ILE E 118 -4.82 13.86 -27.55
CA ILE E 118 -5.49 12.99 -28.52
C ILE E 118 -6.96 13.37 -28.56
N TRP E 119 -7.41 13.88 -29.71
CA TRP E 119 -8.80 14.27 -29.90
C TRP E 119 -9.54 13.15 -30.62
N LEU E 120 -10.53 12.57 -29.95
CA LEU E 120 -11.36 11.52 -30.53
C LEU E 120 -12.60 12.15 -31.16
N VAL E 121 -12.85 11.82 -32.42
CA VAL E 121 -13.95 12.43 -33.17
C VAL E 121 -14.91 11.34 -33.64
N ASP E 122 -16.12 11.77 -34.04
CA ASP E 122 -17.13 10.85 -34.56
C ASP E 122 -17.10 10.88 -36.09
N GLY E 123 -18.18 10.39 -36.73
CA GLY E 123 -18.16 10.18 -38.17
C GLY E 123 -17.87 11.44 -38.97
N SER E 124 -18.41 12.58 -38.53
CA SER E 124 -18.25 13.86 -39.22
C SER E 124 -17.21 14.75 -38.55
N ASN E 125 -16.20 14.14 -37.94
CA ASN E 125 -15.14 14.85 -37.24
C ASN E 125 -15.70 15.67 -36.07
N ARG E 126 -16.82 15.24 -35.51
CA ARG E 126 -17.36 15.87 -34.32
C ARG E 126 -16.71 15.24 -33.10
N VAL E 127 -16.02 16.06 -32.31
CA VAL E 127 -15.24 15.52 -31.19
C VAL E 127 -16.17 14.88 -30.17
N VAL E 128 -15.81 13.67 -29.74
CA VAL E 128 -16.59 12.95 -28.74
C VAL E 128 -15.86 12.80 -27.42
N GLY E 129 -14.54 12.93 -27.40
CA GLY E 129 -13.76 12.84 -26.17
C GLY E 129 -12.36 13.34 -26.45
N ALA E 130 -11.59 13.46 -25.37
CA ALA E 130 -10.23 13.98 -25.50
C ALA E 130 -9.44 13.60 -24.26
N THR E 131 -8.14 13.37 -24.47
CA THR E 131 -7.23 13.03 -23.38
C THR E 131 -5.92 13.80 -23.50
N ARG E 132 -5.57 14.64 -22.52
CA ARG E 132 -4.24 15.33 -22.45
CA ARG E 132 -4.26 15.31 -22.40
C ARG E 132 -3.12 14.55 -21.69
N PHE E 133 -2.11 14.15 -22.47
CA PHE E 133 -1.05 13.29 -21.91
C PHE E 133 0.19 14.04 -21.50
N GLY E 134 0.13 15.35 -21.46
CA GLY E 134 1.32 16.01 -20.94
C GLY E 134 1.00 17.13 -19.99
N LYS E 135 2.02 17.69 -19.37
CA LYS E 135 1.74 18.91 -18.56
C LYS E 135 2.14 20.07 -19.47
N GLY E 136 1.26 21.01 -19.75
CA GLY E 136 1.64 22.06 -20.70
C GLY E 136 0.50 22.82 -21.31
N SER E 137 0.81 23.88 -22.05
CA SER E 137 -0.23 24.75 -22.68
C SER E 137 -0.84 24.02 -23.86
N LEU E 138 -2.03 24.43 -24.27
CA LEU E 138 -2.69 23.78 -25.42
C LEU E 138 -2.21 24.37 -26.73
N LYS E 139 -1.38 25.41 -26.70
CA LYS E 139 -0.81 25.96 -27.93
C LYS E 139 0.53 25.33 -28.27
N THR E 140 1.36 25.06 -27.27
CA THR E 140 2.65 24.38 -27.49
C THR E 140 2.50 22.87 -27.57
N ALA E 141 1.28 22.35 -27.61
CA ALA E 141 1.06 20.91 -27.58
C ALA E 141 0.98 20.34 -28.98
N LEU E 142 1.18 19.03 -29.07
CA LEU E 142 0.97 18.27 -30.29
C LEU E 142 -0.42 17.64 -30.23
N HIS E 143 -1.25 17.97 -31.21
CA HIS E 143 -2.65 17.56 -31.22
C HIS E 143 -2.85 16.45 -32.25
N LEU E 144 -3.54 15.39 -31.86
CA LEU E 144 -3.76 14.22 -32.69
C LEU E 144 -5.25 13.97 -32.86
N LEU E 145 -5.62 13.44 -34.02
CA LEU E 145 -7.00 13.15 -34.36
C LEU E 145 -7.20 11.64 -34.33
N HIS E 146 -8.04 11.17 -33.41
CA HIS E 146 -8.36 9.75 -33.28
C HIS E 146 -9.75 9.51 -33.88
N SER E 147 -9.78 8.82 -35.02
CA SER E 147 -11.01 8.59 -35.76
C SER E 147 -11.35 7.11 -35.73
N GLY E 148 -12.57 6.79 -35.31
CA GLY E 148 -13.05 5.42 -35.29
C GLY E 148 -12.26 4.50 -34.38
N LEU E 149 -11.45 5.07 -33.49
CA LEU E 149 -10.58 4.33 -32.59
C LEU E 149 -9.58 3.46 -33.32
N THR E 150 -9.34 3.74 -34.61
CA THR E 150 -8.48 2.92 -35.45
C THR E 150 -7.42 3.70 -36.21
N HIS E 151 -7.47 5.04 -36.21
CA HIS E 151 -6.59 5.82 -37.03
C HIS E 151 -6.13 7.07 -36.27
N PHE E 152 -4.95 7.56 -36.62
CA PHE E 152 -4.41 8.79 -36.06
C PHE E 152 -3.99 9.71 -37.20
N ASP E 153 -4.56 10.91 -37.23
CA ASP E 153 -4.05 11.99 -38.07
C ASP E 153 -3.70 13.18 -37.19
N ALA E 154 -2.88 14.07 -37.74
CA ALA E 154 -2.34 15.20 -36.98
C ALA E 154 -3.14 16.47 -37.26
N LEU E 155 -3.14 17.36 -36.27
CA LEU E 155 -3.89 18.61 -36.34
C LEU E 155 -2.98 19.79 -36.01
N ARG E 156 -3.24 20.92 -36.66
CA ARG E 156 -2.56 22.17 -36.38
C ARG E 156 -3.58 23.26 -36.09
N LEU E 157 -3.37 24.00 -35.00
CA LEU E 157 -4.24 25.10 -34.67
C LEU E 157 -4.16 26.19 -35.75
N LEU E 158 -5.31 26.78 -36.05
CA LEU E 158 -5.41 27.68 -37.19
C LEU E 158 -4.71 29.02 -36.99
N ALA E 159 -4.32 29.35 -35.78
CA ALA E 159 -3.61 30.60 -35.52
C ALA E 159 -2.12 30.45 -35.80
N MET F 1 -28.85 1.78 -6.16
CA MET F 1 -28.04 2.95 -6.50
C MET F 1 -27.55 2.88 -7.94
N GLN F 2 -27.83 3.93 -8.71
CA GLN F 2 -27.51 3.99 -10.13
C GLN F 2 -26.35 4.95 -10.33
N ILE F 3 -25.23 4.44 -10.83
CA ILE F 3 -24.08 5.27 -11.14
C ILE F 3 -23.84 5.22 -12.64
N PHE F 4 -23.02 6.16 -13.13
CA PHE F 4 -22.79 6.33 -14.56
C PHE F 4 -21.29 6.34 -14.82
N VAL F 5 -20.84 5.45 -15.70
CA VAL F 5 -19.44 5.36 -16.09
C VAL F 5 -19.30 6.01 -17.48
N LYS F 6 -18.48 7.04 -17.57
CA LYS F 6 -18.27 7.78 -18.80
C LYS F 6 -16.98 7.32 -19.48
N THR F 7 -17.00 7.33 -20.81
CA THR F 7 -15.88 6.85 -21.61
C THR F 7 -15.46 7.93 -22.59
N LEU F 8 -14.25 7.75 -23.14
CA LEU F 8 -13.74 8.70 -24.13
C LEU F 8 -14.53 8.66 -25.43
N THR F 9 -15.18 7.54 -25.74
CA THR F 9 -16.04 7.47 -26.92
C THR F 9 -17.35 8.22 -26.73
N GLY F 10 -17.60 8.76 -25.54
CA GLY F 10 -18.82 9.50 -25.27
C GLY F 10 -19.96 8.70 -24.70
N LYS F 11 -19.79 7.39 -24.52
CA LYS F 11 -20.87 6.54 -24.05
C LYS F 11 -20.99 6.62 -22.52
N THR F 12 -22.23 6.63 -22.04
CA THR F 12 -22.53 6.64 -20.61
C THR F 12 -23.09 5.28 -20.24
N ILE F 13 -22.35 4.52 -19.44
CA ILE F 13 -22.79 3.23 -18.95
C ILE F 13 -23.43 3.44 -17.58
N THR F 14 -24.74 3.21 -17.49
CA THR F 14 -25.45 3.30 -16.22
C THR F 14 -25.48 1.94 -15.55
N LEU F 15 -25.08 1.89 -14.29
CA LEU F 15 -24.96 0.64 -13.55
C LEU F 15 -25.71 0.75 -12.23
N GLU F 16 -26.54 -0.25 -11.94
CA GLU F 16 -27.24 -0.34 -10.66
C GLU F 16 -26.38 -1.14 -9.70
N VAL F 17 -25.64 -0.45 -8.84
CA VAL F 17 -24.70 -1.07 -7.93
C VAL F 17 -25.03 -0.64 -6.51
N GLU F 18 -24.38 -1.29 -5.55
CA GLU F 18 -24.52 -0.94 -4.14
C GLU F 18 -23.18 -0.49 -3.57
N PRO F 19 -23.18 0.36 -2.55
CA PRO F 19 -21.91 0.80 -1.96
C PRO F 19 -21.07 -0.34 -1.41
N SER F 20 -21.71 -1.44 -1.02
CA SER F 20 -20.98 -2.59 -0.49
C SER F 20 -20.34 -3.43 -1.58
N ASP F 21 -20.77 -3.27 -2.83
CA ASP F 21 -20.23 -4.08 -3.92
C ASP F 21 -18.77 -3.76 -4.19
N THR F 22 -18.03 -4.77 -4.61
CA THR F 22 -16.60 -4.63 -4.88
C THR F 22 -16.38 -3.94 -6.22
N ILE F 23 -15.22 -3.31 -6.36
CA ILE F 23 -14.85 -2.66 -7.62
C ILE F 23 -14.72 -3.69 -8.72
N GLU F 24 -14.22 -4.89 -8.40
CA GLU F 24 -14.13 -5.96 -9.39
C GLU F 24 -15.50 -6.31 -9.96
N ASN F 25 -16.54 -6.15 -9.14
CA ASN F 25 -17.93 -6.43 -9.61
C ASN F 25 -18.31 -5.39 -10.66
N VAL F 26 -17.97 -4.12 -10.43
CA VAL F 26 -18.28 -3.07 -11.40
C VAL F 26 -17.50 -3.29 -12.69
N LYS F 27 -16.26 -3.77 -12.58
CA LYS F 27 -15.48 -4.08 -13.77
C LYS F 27 -16.03 -5.30 -14.50
N ALA F 28 -16.65 -6.23 -13.78
CA ALA F 28 -17.29 -7.36 -14.43
C ALA F 28 -18.59 -6.96 -15.12
N LYS F 29 -19.32 -6.01 -14.53
CA LYS F 29 -20.55 -5.51 -15.17
C LYS F 29 -20.23 -4.70 -16.42
N ILE F 30 -19.10 -3.99 -16.43
CA ILE F 30 -18.65 -3.33 -17.66
C ILE F 30 -18.31 -4.37 -18.72
N GLN F 31 -17.76 -5.50 -18.30
CA GLN F 31 -17.42 -6.56 -19.24
C GLN F 31 -18.66 -7.15 -19.89
N ASP F 32 -19.73 -7.35 -19.11
CA ASP F 32 -20.97 -7.84 -19.70
C ASP F 32 -21.65 -6.77 -20.54
N LYS F 33 -21.60 -5.52 -20.08
CA LYS F 33 -22.25 -4.43 -20.80
C LYS F 33 -21.50 -4.07 -22.08
N GLU F 34 -20.17 -3.96 -22.01
CA GLU F 34 -19.40 -3.42 -23.12
C GLU F 34 -18.30 -4.35 -23.62
N GLY F 35 -18.10 -5.50 -23.00
CA GLY F 35 -17.16 -6.48 -23.54
C GLY F 35 -15.69 -6.13 -23.38
N ILE F 36 -15.33 -5.43 -22.32
CA ILE F 36 -13.95 -5.06 -22.03
C ILE F 36 -13.49 -5.84 -20.80
N PRO F 37 -12.39 -6.65 -20.85
CA PRO F 37 -11.93 -7.36 -19.67
C PRO F 37 -11.45 -6.53 -18.47
N PRO F 38 -11.88 -6.88 -17.25
CA PRO F 38 -11.51 -6.16 -16.02
C PRO F 38 -10.07 -5.71 -15.82
N ASP F 39 -9.09 -6.49 -16.31
CA ASP F 39 -7.66 -6.16 -16.07
C ASP F 39 -7.17 -5.13 -17.10
N GLN F 40 -8.02 -4.76 -18.06
CA GLN F 40 -7.65 -3.80 -19.12
C GLN F 40 -8.49 -2.56 -18.93
N GLN F 41 -9.16 -2.50 -17.79
CA GLN F 41 -9.96 -1.33 -17.46
C GLN F 41 -9.25 -0.47 -16.42
N ARG F 42 -9.52 0.83 -16.45
CA ARG F 42 -9.08 1.77 -15.44
C ARG F 42 -10.25 2.66 -15.06
N LEU F 43 -10.86 2.40 -13.90
CA LEU F 43 -11.98 3.18 -13.39
C LEU F 43 -11.45 4.27 -12.48
N ILE F 44 -11.85 5.51 -12.76
CA ILE F 44 -11.33 6.68 -12.05
C ILE F 44 -12.49 7.41 -11.39
N PHE F 45 -12.31 7.81 -10.13
CA PHE F 45 -13.26 8.66 -9.43
C PHE F 45 -12.48 9.67 -8.61
N ALA F 46 -12.70 10.96 -8.90
CA ALA F 46 -12.07 12.07 -8.18
C ALA F 46 -10.54 11.97 -8.25
N GLY F 47 -10.03 11.61 -9.42
CA GLY F 47 -8.60 11.57 -9.65
C GLY F 47 -7.88 10.34 -9.14
N LYS F 48 -8.59 9.40 -8.52
CA LYS F 48 -7.99 8.18 -8.00
C LYS F 48 -8.58 6.98 -8.73
N GLN F 49 -7.70 6.12 -9.25
CA GLN F 49 -8.14 4.90 -9.91
C GLN F 49 -8.64 3.91 -8.87
N LEU F 50 -9.85 3.39 -9.07
CA LEU F 50 -10.41 2.42 -8.16
C LEU F 50 -9.59 1.13 -8.20
N GLU F 51 -9.12 0.69 -7.04
CA GLU F 51 -8.16 -0.41 -6.96
C GLU F 51 -8.85 -1.70 -6.53
N ASP F 52 -8.18 -2.81 -6.81
CA ASP F 52 -8.70 -4.13 -6.47
C ASP F 52 -8.77 -4.31 -4.96
N GLY F 53 -9.81 -5.00 -4.50
CA GLY F 53 -9.97 -5.25 -3.08
C GLY F 53 -10.59 -4.12 -2.30
N ARG F 54 -11.24 -3.17 -2.97
CA ARG F 54 -11.88 -2.03 -2.32
C ARG F 54 -13.37 -2.03 -2.64
N THR F 55 -14.13 -1.34 -1.82
CA THR F 55 -15.56 -1.15 -2.05
C THR F 55 -15.81 0.27 -2.55
N LEU F 56 -16.98 0.46 -3.16
CA LEU F 56 -17.33 1.76 -3.71
C LEU F 56 -17.44 2.80 -2.60
N SER F 57 -17.95 2.40 -1.43
CA SER F 57 -18.08 3.35 -0.33
C SER F 57 -16.72 3.77 0.20
N ASP F 58 -15.71 2.91 0.06
CA ASP F 58 -14.36 3.25 0.47
C ASP F 58 -13.78 4.40 -0.36
N TYR F 59 -14.40 4.72 -1.50
CA TYR F 59 -14.06 5.93 -2.24
C TYR F 59 -15.14 6.99 -2.13
N ASN F 60 -16.15 6.76 -1.29
CA ASN F 60 -17.27 7.69 -1.13
C ASN F 60 -17.98 7.93 -2.45
N ILE F 61 -18.10 6.87 -3.26
CA ILE F 61 -18.95 6.92 -4.45
C ILE F 61 -20.40 6.87 -4.00
N GLN F 62 -21.20 7.83 -4.46
CA GLN F 62 -22.59 7.95 -4.05
C GLN F 62 -23.49 7.67 -5.25
N LYS F 63 -24.78 7.89 -5.06
CA LYS F 63 -25.72 7.65 -6.14
C LYS F 63 -25.58 8.74 -7.20
N GLU F 64 -25.70 8.35 -8.47
CA GLU F 64 -25.54 9.23 -9.61
C GLU F 64 -24.14 9.83 -9.69
N SER F 65 -23.18 9.21 -9.00
CA SER F 65 -21.78 9.58 -9.17
C SER F 65 -21.30 9.19 -10.56
N THR F 66 -20.32 9.93 -11.06
CA THR F 66 -19.80 9.75 -12.42
C THR F 66 -18.38 9.22 -12.34
N LEU F 67 -18.14 8.08 -12.98
CA LEU F 67 -16.83 7.45 -13.04
C LEU F 67 -16.27 7.58 -14.44
N HIS F 68 -14.97 7.28 -14.56
CA HIS F 68 -14.25 7.40 -15.83
C HIS F 68 -13.64 6.06 -16.20
N LEU F 69 -14.04 5.52 -17.34
CA LEU F 69 -13.44 4.31 -17.90
C LEU F 69 -12.43 4.76 -18.96
N VAL F 70 -11.16 4.79 -18.57
CA VAL F 70 -10.09 5.20 -19.48
C VAL F 70 -9.51 3.96 -20.12
N LEU F 71 -9.72 3.82 -21.42
CA LEU F 71 -9.31 2.64 -22.18
C LEU F 71 -8.13 3.00 -23.08
N ARG F 72 -7.26 2.02 -23.31
CA ARG F 72 -6.10 2.26 -24.16
C ARG F 72 -6.55 2.59 -25.58
N LEU F 73 -5.96 3.63 -26.15
CA LEU F 73 -6.27 4.06 -27.51
C LEU F 73 -5.16 3.61 -28.45
N ARG F 74 -5.53 2.90 -29.50
CA ARG F 74 -4.59 2.45 -30.51
C ARG F 74 -5.06 2.93 -31.88
N GLY F 75 -4.10 3.17 -32.76
CA GLY F 75 -4.40 3.61 -34.12
C GLY F 75 -3.57 2.95 -35.18
N ASP G 2 52.04 10.49 -2.17
CA ASP G 2 50.96 11.25 -2.78
C ASP G 2 50.19 12.05 -1.74
N PHE G 3 49.92 13.32 -2.06
CA PHE G 3 49.05 14.12 -1.20
C PHE G 3 47.66 13.51 -1.12
N LEU G 4 47.20 12.91 -2.22
CA LEU G 4 45.88 12.29 -2.22
C LEU G 4 45.84 11.05 -1.34
N GLU G 5 46.95 10.32 -1.23
CA GLU G 5 46.99 9.16 -0.35
C GLU G 5 47.07 9.57 1.12
N GLY G 6 47.63 10.75 1.40
CA GLY G 6 47.63 11.25 2.76
C GLY G 6 46.27 11.72 3.23
N ILE G 7 45.33 11.90 2.31
CA ILE G 7 44.00 12.39 2.67
C ILE G 7 43.30 11.38 3.56
N THR G 8 42.64 11.89 4.60
CA THR G 8 41.94 11.07 5.58
C THR G 8 40.45 11.04 5.24
N TRP G 9 39.94 9.82 5.07
CA TRP G 9 38.52 9.64 4.69
C TRP G 9 37.70 9.10 5.86
N ASP G 10 36.51 9.66 6.05
CA ASP G 10 35.62 9.29 7.16
C ASP G 10 34.44 8.52 6.58
N SER G 11 34.19 7.30 7.05
CA SER G 11 33.15 6.45 6.43
C SER G 11 31.80 6.91 6.96
N VAL G 12 30.98 7.45 6.07
CA VAL G 12 29.68 8.03 6.48
C VAL G 12 28.61 6.99 6.17
N SER G 13 29.00 5.88 5.59
CA SER G 13 28.01 4.82 5.32
C SER G 13 28.74 3.52 5.05
N ASP G 14 28.02 2.54 4.50
CA ASP G 14 28.65 1.24 4.13
C ASP G 14 29.59 1.50 2.95
N ILE G 15 29.16 2.34 1.99
CA ILE G 15 30.01 2.55 0.79
C ILE G 15 30.46 3.99 0.61
N GLN G 16 30.13 4.92 1.50
CA GLN G 16 30.46 6.33 1.22
C GLN G 16 31.50 6.83 2.22
N SER G 17 32.43 7.65 1.73
CA SER G 17 33.48 8.22 2.59
C SER G 17 33.54 9.72 2.33
N VAL G 18 33.98 10.49 3.33
CA VAL G 18 34.05 11.97 3.20
C VAL G 18 35.41 12.51 3.66
N SER G 19 35.87 13.60 3.06
CA SER G 19 37.12 14.23 3.44
C SER G 19 37.06 15.70 3.05
N ASN G 20 37.99 16.48 3.59
CA ASN G 20 38.06 17.93 3.34
C ASN G 20 39.51 18.35 3.14
N PRO G 21 40.11 17.99 2.00
CA PRO G 21 41.45 18.45 1.68
C PRO G 21 41.44 19.81 0.99
N SER G 22 42.62 20.43 0.94
CA SER G 22 42.80 21.74 0.33
C SER G 22 43.95 21.67 -0.66
N PHE G 23 43.63 21.77 -1.95
CA PHE G 23 44.62 21.79 -3.02
C PHE G 23 43.93 22.25 -4.29
N THR G 24 44.74 22.52 -5.31
CA THR G 24 44.24 22.86 -6.62
C THR G 24 44.05 21.57 -7.42
N ILE G 25 42.81 21.32 -7.87
CA ILE G 25 42.53 20.09 -8.59
C ILE G 25 43.35 19.99 -9.87
N THR G 26 43.75 21.13 -10.43
CA THR G 26 44.52 21.12 -11.67
C THR G 26 45.96 20.68 -11.46
N ASP G 27 46.46 20.67 -10.22
CA ASP G 27 47.83 20.26 -9.97
C ASP G 27 48.01 18.75 -10.08
N TYR G 28 46.96 17.97 -9.81
CA TYR G 28 47.03 16.53 -9.89
C TYR G 28 46.02 15.92 -10.86
N PHE G 29 45.17 16.73 -11.48
CA PHE G 29 44.11 16.22 -12.35
C PHE G 29 44.04 17.02 -13.64
N GLU G 30 43.39 16.41 -14.63
CA GLU G 30 43.01 17.09 -15.86
C GLU G 30 41.50 17.19 -15.90
N VAL G 31 40.99 18.39 -16.18
CA VAL G 31 39.56 18.64 -16.23
C VAL G 31 39.07 18.37 -17.64
N VAL G 32 38.30 17.28 -17.80
CA VAL G 32 37.65 17.02 -19.12
C VAL G 32 36.31 17.75 -19.06
N ARG G 33 36.22 18.93 -19.68
N ARG G 33 36.21 18.92 -19.69
CA ARG G 33 34.96 19.72 -19.62
CA ARG G 33 34.96 19.72 -19.62
C ARG G 33 33.80 18.93 -20.22
C ARG G 33 33.80 18.94 -20.24
N GLN G 34 32.61 19.06 -19.63
CA GLN G 34 31.42 18.33 -20.15
C GLN G 34 30.29 19.35 -20.35
N PRO G 35 29.27 19.11 -21.20
CA PRO G 35 28.25 20.12 -21.51
C PRO G 35 27.24 20.48 -20.42
N ALA G 36 26.72 21.71 -20.46
CA ALA G 36 25.73 22.18 -19.50
C ALA G 36 24.32 21.91 -20.02
N ASP G 37 24.08 20.63 -20.32
CA ASP G 37 22.76 20.17 -20.77
C ASP G 37 21.84 19.80 -19.63
N GLY G 38 22.34 19.70 -18.41
CA GLY G 38 21.61 19.07 -17.33
C GLY G 38 21.84 17.58 -17.20
N ASN G 39 22.63 17.00 -18.11
CA ASN G 39 22.97 15.58 -18.09
C ASN G 39 24.47 15.37 -17.84
N CYS G 40 25.16 16.39 -17.32
CA CYS G 40 26.62 16.35 -17.24
C CYS G 40 27.14 15.38 -16.18
N PHE G 41 26.32 15.03 -15.18
CA PHE G 41 26.72 13.95 -14.29
C PHE G 41 26.90 12.65 -15.07
N TYR G 42 26.04 12.43 -16.07
CA TYR G 42 26.18 11.23 -16.87
C TYR G 42 27.14 11.45 -18.04
N HIS G 43 27.26 12.69 -18.52
CA HIS G 43 28.26 12.99 -19.54
C HIS G 43 29.67 12.73 -19.00
N SER G 44 29.93 13.14 -17.76
CA SER G 44 31.25 12.95 -17.16
C SER G 44 31.50 11.49 -16.79
N LEU G 45 30.45 10.74 -16.45
CA LEU G 45 30.62 9.31 -16.21
C LEU G 45 30.84 8.55 -17.51
N ALA G 46 30.20 8.98 -18.60
CA ALA G 46 30.31 8.27 -19.86
C ALA G 46 31.72 8.36 -20.43
N GLU G 47 32.35 9.53 -20.31
CA GLU G 47 33.71 9.68 -20.83
C GLU G 47 34.69 8.79 -20.07
N LEU G 48 34.43 8.56 -18.79
CA LEU G 48 35.33 7.79 -17.93
C LEU G 48 35.06 6.30 -17.97
N TYR G 49 33.80 5.89 -18.12
CA TYR G 49 33.44 4.48 -18.03
C TYR G 49 33.16 3.84 -19.38
N ILE G 50 32.55 4.58 -20.32
CA ILE G 50 32.19 4.05 -21.61
C ILE G 50 33.36 4.27 -22.57
N PRO G 51 33.89 3.22 -23.21
CA PRO G 51 35.04 3.43 -24.10
C PRO G 51 34.69 4.16 -25.39
N ASN G 52 33.47 4.01 -25.89
CA ASN G 52 33.05 4.65 -27.14
C ASN G 52 32.52 6.04 -26.84
N LYS G 53 33.35 7.05 -27.08
CA LYS G 53 32.96 8.42 -26.81
C LYS G 53 31.85 8.86 -27.76
N SER G 54 30.77 9.38 -27.20
CA SER G 54 29.67 9.91 -28.00
C SER G 54 29.06 11.07 -27.24
N ASP G 55 28.36 11.95 -27.97
CA ASP G 55 27.55 12.97 -27.34
C ASP G 55 26.22 12.42 -26.83
N HIS G 56 25.97 11.12 -27.03
CA HIS G 56 24.76 10.46 -26.56
C HIS G 56 25.08 9.23 -25.71
N ALA G 57 26.31 9.14 -25.19
CA ALA G 57 26.67 8.07 -24.28
C ALA G 57 26.19 8.32 -22.86
N TYR G 58 25.76 9.54 -22.55
CA TYR G 58 25.12 9.80 -21.26
C TYR G 58 23.83 9.01 -21.13
N ARG G 59 23.13 8.78 -22.24
CA ARG G 59 21.87 8.05 -22.20
C ARG G 59 22.08 6.62 -21.71
N LEU G 60 23.19 5.99 -22.09
CA LEU G 60 23.47 4.64 -21.65
C LEU G 60 23.66 4.58 -20.14
N VAL G 61 24.40 5.55 -19.59
CA VAL G 61 24.61 5.58 -18.14
C VAL G 61 23.30 5.86 -17.42
N LYS G 62 22.50 6.78 -17.95
CA LYS G 62 21.19 7.06 -17.35
C LYS G 62 20.26 5.85 -17.45
N ASN G 63 20.37 5.06 -18.52
CA ASN G 63 19.50 3.90 -18.65
C ASN G 63 19.82 2.83 -17.62
N GLU G 64 21.09 2.72 -17.24
CA GLU G 64 21.51 1.70 -16.25
C GLU G 64 21.11 2.14 -14.83
N LEU G 65 20.71 3.41 -14.66
CA LEU G 65 20.39 3.88 -13.32
C LEU G 65 19.16 3.18 -12.75
N ARG G 66 18.14 2.97 -13.58
CA ARG G 66 16.92 2.33 -13.08
C ARG G 66 17.18 0.90 -12.62
N GLU G 67 18.05 0.18 -13.33
CA GLU G 67 18.43 -1.16 -12.88
C GLU G 67 19.14 -1.10 -11.55
N ALA G 68 20.08 -0.16 -11.40
CA ALA G 68 20.74 0.03 -10.12
C ALA G 68 19.75 0.47 -9.05
N ALA G 69 18.81 1.34 -9.40
CA ALA G 69 17.85 1.85 -8.42
C ALA G 69 16.91 0.75 -7.95
N GLU G 70 16.27 0.04 -8.89
CA GLU G 70 15.36 -1.02 -8.51
C GLU G 70 16.03 -2.07 -7.64
N LYS G 71 17.35 -2.26 -7.82
CA LYS G 71 18.07 -3.21 -6.97
C LYS G 71 18.45 -2.59 -5.63
N TYR G 72 18.84 -1.31 -5.63
CA TYR G 72 19.48 -0.72 -4.46
C TYR G 72 18.76 0.47 -3.84
N PHE G 73 17.78 1.08 -4.52
CA PHE G 73 17.07 2.21 -3.92
C PHE G 73 16.37 1.85 -2.61
N PRO G 74 15.69 0.71 -2.47
CA PRO G 74 15.08 0.39 -1.17
C PRO G 74 16.08 0.33 -0.02
N THR G 75 17.31 -0.10 -0.27
CA THR G 75 18.31 -0.29 0.78
C THR G 75 19.36 0.81 0.82
N GLU G 76 19.24 1.84 -0.04
CA GLU G 76 20.30 2.85 -0.09
C GLU G 76 20.14 3.86 1.04
N PRO G 77 21.24 4.24 1.70
CA PRO G 77 21.11 5.18 2.83
C PRO G 77 20.71 6.58 2.43
N GLU G 78 21.27 7.12 1.35
CA GLU G 78 20.87 8.45 0.90
C GLU G 78 19.55 8.44 0.14
N ALA G 79 18.93 7.27 0.04
CA ALA G 79 17.61 7.14 -0.60
C ALA G 79 16.55 7.00 0.48
N ALA G 80 16.96 6.80 1.74
CA ALA G 80 16.02 6.71 2.87
C ALA G 80 15.75 8.12 3.37
N ALA G 81 16.49 9.09 2.83
CA ALA G 81 16.31 10.49 3.23
C ALA G 81 15.65 11.32 2.12
N THR G 82 15.49 10.78 0.92
CA THR G 82 14.76 11.52 -0.14
C THR G 82 13.28 11.72 0.25
N GLY G 83 12.68 10.75 0.94
CA GLY G 83 11.26 10.83 1.34
C GLY G 83 10.30 10.31 0.29
N MET G 84 10.84 9.67 -0.74
CA MET G 84 10.04 9.14 -1.85
C MET G 84 10.35 7.64 -1.99
N ARG G 85 9.54 6.93 -2.76
CA ARG G 85 9.82 5.50 -3.01
C ARG G 85 10.32 5.39 -4.44
N LEU G 86 10.69 4.20 -4.88
CA LEU G 86 11.36 4.01 -6.19
C LEU G 86 10.52 4.55 -7.33
N ASP G 87 9.23 4.27 -7.31
CA ASP G 87 8.34 4.77 -8.37
C ASP G 87 8.49 6.27 -8.48
N GLU G 88 8.31 6.98 -7.36
CA GLU G 88 8.35 8.44 -7.35
C GLU G 88 9.69 8.96 -7.84
N TYR G 89 10.78 8.31 -7.43
CA TYR G 89 12.11 8.82 -7.70
C TYR G 89 12.47 8.68 -9.18
N LEU G 90 12.27 7.50 -9.76
CA LEU G 90 12.64 7.29 -11.15
C LEU G 90 11.86 8.22 -12.08
N ASP G 91 10.64 8.59 -11.70
CA ASP G 91 9.84 9.48 -12.54
C ASP G 91 10.38 10.90 -12.55
N THR G 92 11.17 11.29 -11.55
CA THR G 92 11.87 12.56 -11.61
C THR G 92 13.32 12.39 -12.03
N ALA G 93 13.91 11.22 -11.79
CA ALA G 93 15.33 11.02 -12.07
C ALA G 93 15.57 10.68 -13.54
N LEU G 94 14.72 9.84 -14.12
CA LEU G 94 14.93 9.39 -15.49
C LEU G 94 14.55 10.45 -16.52
N ARG G 95 13.95 11.56 -16.11
CA ARG G 95 13.70 12.66 -17.04
C ARG G 95 15.03 13.21 -17.54
N ASP G 96 15.02 13.65 -18.80
CA ASP G 96 16.25 14.18 -19.40
C ASP G 96 16.44 15.63 -18.98
N ASN G 97 17.71 16.06 -18.99
CA ASN G 97 18.12 17.39 -18.53
C ASN G 97 17.80 17.60 -17.05
N GLU G 98 17.59 16.51 -16.32
CA GLU G 98 17.39 16.55 -14.88
C GLU G 98 18.69 16.17 -14.19
N TRP G 99 19.04 16.93 -13.15
CA TRP G 99 20.35 16.79 -12.53
C TRP G 99 20.47 15.46 -11.80
N GLY G 100 21.65 14.84 -11.91
CA GLY G 100 22.01 13.67 -11.14
C GLY G 100 23.15 13.98 -10.20
N GLY G 101 23.46 13.01 -9.33
CA GLY G 101 24.53 13.23 -8.38
C GLY G 101 24.85 12.10 -7.42
N SER G 102 24.92 12.45 -6.13
CA SER G 102 25.52 11.55 -5.15
C SER G 102 24.66 10.31 -4.93
N LEU G 103 23.33 10.46 -4.95
CA LEU G 103 22.46 9.31 -4.78
C LEU G 103 22.61 8.34 -5.95
N GLU G 104 22.65 8.86 -7.18
CA GLU G 104 22.83 8.00 -8.34
C GLU G 104 24.20 7.37 -8.36
N ALA G 105 25.22 8.08 -7.87
CA ALA G 105 26.58 7.56 -7.90
C ALA G 105 26.73 6.38 -6.94
N ALA G 106 26.06 6.43 -5.79
CA ALA G 106 26.17 5.35 -4.82
C ALA G 106 25.56 4.07 -5.37
N MET G 107 24.38 4.16 -5.98
CA MET G 107 23.72 2.97 -6.49
C MET G 107 24.40 2.46 -7.76
N LEU G 108 24.93 3.36 -8.59
CA LEU G 108 25.64 2.94 -9.78
C LEU G 108 26.97 2.30 -9.43
N SER G 109 27.63 2.78 -8.37
CA SER G 109 28.88 2.17 -7.94
C SER G 109 28.64 0.75 -7.44
N ARG G 110 27.52 0.53 -6.74
CA ARG G 110 27.18 -0.83 -6.30
C ARG G 110 26.81 -1.71 -7.48
N HIS G 111 26.07 -1.17 -8.44
CA HIS G 111 25.56 -1.98 -9.54
C HIS G 111 26.68 -2.42 -10.48
N LEU G 112 27.48 -1.47 -10.96
CA LEU G 112 28.49 -1.73 -11.97
C LEU G 112 29.86 -2.02 -11.38
N GLY G 113 29.96 -2.13 -10.05
CA GLY G 113 31.22 -2.40 -9.40
C GLY G 113 32.26 -1.33 -9.66
N LEU G 114 31.89 -0.07 -9.43
CA LEU G 114 32.76 1.08 -9.69
C LEU G 114 33.07 1.81 -8.39
N THR G 115 34.14 2.60 -8.43
CA THR G 115 34.52 3.50 -7.35
C THR G 115 34.52 4.91 -7.90
N VAL G 116 33.62 5.74 -7.40
CA VAL G 116 33.45 7.12 -7.86
C VAL G 116 33.86 8.05 -6.72
N VAL G 117 34.81 8.92 -6.99
CA VAL G 117 35.22 9.96 -6.06
C VAL G 117 34.78 11.30 -6.65
N ILE G 118 33.97 12.04 -5.89
CA ILE G 118 33.49 13.35 -6.31
C ILE G 118 34.25 14.40 -5.53
N TRP G 119 34.99 15.26 -6.25
CA TRP G 119 35.76 16.33 -5.65
C TRP G 119 34.98 17.64 -5.77
N LEU G 120 34.65 18.23 -4.62
CA LEU G 120 33.89 19.48 -4.60
C LEU G 120 34.86 20.65 -4.58
N VAL G 121 34.72 21.55 -5.57
CA VAL G 121 35.59 22.70 -5.71
C VAL G 121 34.76 23.96 -5.84
N ASP G 122 35.41 25.10 -5.59
CA ASP G 122 34.77 26.40 -5.70
C ASP G 122 34.90 26.92 -7.13
N GLY G 123 34.56 28.20 -7.33
CA GLY G 123 34.70 28.80 -8.64
C GLY G 123 36.11 29.01 -9.11
N SER G 124 37.09 28.92 -8.20
CA SER G 124 38.51 29.05 -8.54
C SER G 124 39.22 27.70 -8.55
N ASN G 125 38.47 26.59 -8.58
CA ASN G 125 39.02 25.24 -8.70
C ASN G 125 39.87 24.87 -7.49
N ARG G 126 39.40 25.21 -6.29
CA ARG G 126 40.05 24.79 -5.05
C ARG G 126 39.15 23.80 -4.33
N VAL G 127 39.72 22.64 -3.99
CA VAL G 127 38.95 21.59 -3.33
C VAL G 127 38.60 22.02 -1.91
N VAL G 128 37.31 21.96 -1.59
CA VAL G 128 36.85 22.23 -0.22
C VAL G 128 36.26 20.99 0.44
N GLY G 129 35.96 19.95 -0.33
CA GLY G 129 35.45 18.70 0.21
C GLY G 129 35.60 17.61 -0.83
N ALA G 130 35.39 16.37 -0.39
CA ALA G 130 35.51 15.22 -1.27
C ALA G 130 34.66 14.08 -0.74
N THR G 131 34.08 13.31 -1.65
CA THR G 131 33.25 12.17 -1.32
C THR G 131 33.62 11.00 -2.22
N ARG G 132 33.76 9.83 -1.62
CA ARG G 132 34.16 8.62 -2.33
C ARG G 132 33.09 7.55 -2.16
N PHE G 133 32.78 6.85 -3.26
CA PHE G 133 31.80 5.77 -3.26
C PHE G 133 32.50 4.48 -3.70
N GLY G 134 33.13 3.79 -2.77
CA GLY G 134 33.75 2.51 -3.06
C GLY G 134 35.05 2.30 -2.30
N LYS G 135 35.44 1.02 -2.24
CA LYS G 135 36.65 0.62 -1.48
C LYS G 135 37.82 0.36 -2.41
N GLY G 136 37.71 0.75 -3.67
CA GLY G 136 38.81 0.63 -4.60
C GLY G 136 39.80 1.77 -4.45
N SER G 137 40.94 1.63 -5.12
CA SER G 137 41.99 2.63 -5.03
C SER G 137 41.60 3.89 -5.79
N LEU G 138 42.26 5.00 -5.43
CA LEU G 138 42.02 6.28 -6.08
C LEU G 138 42.70 6.41 -7.44
N LYS G 139 43.48 5.41 -7.85
CA LYS G 139 44.13 5.45 -9.15
C LYS G 139 43.32 4.75 -10.24
N THR G 140 42.53 3.75 -9.87
CA THR G 140 41.62 3.11 -10.80
C THR G 140 40.18 3.60 -10.65
N ALA G 141 39.96 4.60 -9.80
CA ALA G 141 38.62 5.12 -9.57
C ALA G 141 38.22 6.12 -10.66
N LEU G 142 36.93 6.38 -10.74
CA LEU G 142 36.38 7.38 -11.65
C LEU G 142 36.16 8.67 -10.86
N HIS G 143 36.74 9.76 -11.34
CA HIS G 143 36.77 11.02 -10.61
C HIS G 143 35.90 12.06 -11.30
N LEU G 144 34.97 12.64 -10.54
CA LEU G 144 34.06 13.67 -11.03
C LEU G 144 34.28 14.95 -10.25
N LEU G 145 34.22 16.08 -10.95
CA LEU G 145 34.46 17.39 -10.36
C LEU G 145 33.12 18.10 -10.19
N HIS G 146 32.76 18.39 -8.94
CA HIS G 146 31.52 19.10 -8.62
C HIS G 146 31.85 20.58 -8.44
N SER G 147 31.40 21.41 -9.37
CA SER G 147 31.75 22.83 -9.41
C SER G 147 30.56 23.65 -8.92
N GLY G 148 30.72 24.33 -7.79
CA GLY G 148 29.70 25.22 -7.28
C GLY G 148 28.40 24.57 -6.90
N LEU G 149 28.37 23.25 -6.69
CA LEU G 149 27.18 22.48 -6.36
C LEU G 149 26.12 22.53 -7.46
N THR G 150 26.49 22.91 -8.68
CA THR G 150 25.56 22.96 -9.80
C THR G 150 26.07 22.30 -11.07
N HIS G 151 27.33 21.84 -11.10
CA HIS G 151 27.90 21.33 -12.34
C HIS G 151 28.85 20.19 -12.03
N PHE G 152 28.85 19.18 -12.91
CA PHE G 152 29.79 18.08 -12.84
C PHE G 152 30.63 18.07 -14.12
N ASP G 153 31.95 18.07 -13.95
CA ASP G 153 32.89 17.86 -15.06
C ASP G 153 33.78 16.69 -14.73
N ALA G 154 34.31 16.06 -15.78
CA ALA G 154 35.09 14.84 -15.64
C ALA G 154 36.55 15.15 -15.32
N LEU G 155 37.17 14.22 -14.59
CA LEU G 155 38.56 14.34 -14.18
C LEU G 155 39.32 13.08 -14.53
N ARG G 156 40.57 13.24 -14.95
CA ARG G 156 41.47 12.13 -15.20
C ARG G 156 42.81 12.45 -14.55
N LEU G 157 43.35 11.49 -13.81
CA LEU G 157 44.60 11.71 -13.08
C LEU G 157 45.74 12.00 -14.04
N LEU G 158 46.62 12.92 -13.64
CA LEU G 158 47.77 13.29 -14.45
C LEU G 158 48.92 12.31 -14.27
N MET H 1 25.05 20.10 26.67
CA MET H 1 26.04 19.51 25.78
C MET H 1 26.27 20.35 24.54
N GLN H 2 27.51 20.39 24.08
CA GLN H 2 27.87 21.02 22.82
C GLN H 2 28.35 19.93 21.87
N ILE H 3 27.66 19.76 20.75
CA ILE H 3 28.04 18.78 19.73
C ILE H 3 28.51 19.52 18.49
N PHE H 4 29.35 18.84 17.71
CA PHE H 4 29.86 19.38 16.45
C PHE H 4 29.29 18.59 15.28
N VAL H 5 28.88 19.28 14.23
CA VAL H 5 28.44 18.66 13.00
C VAL H 5 29.27 19.24 11.86
N LYS H 6 30.11 18.41 11.26
CA LYS H 6 30.98 18.84 10.17
C LYS H 6 30.30 18.59 8.83
N THR H 7 30.41 19.57 7.95
CA THR H 7 29.77 19.54 6.64
C THR H 7 30.78 19.22 5.55
N LEU H 8 30.25 18.70 4.44
CA LEU H 8 31.08 18.38 3.29
C LEU H 8 31.77 19.61 2.72
N THR H 9 31.20 20.79 2.94
CA THR H 9 31.83 22.04 2.52
C THR H 9 32.86 22.55 3.52
N GLY H 10 33.03 21.88 4.65
CA GLY H 10 34.07 22.20 5.60
C GLY H 10 33.64 23.04 6.79
N LYS H 11 32.44 23.62 6.75
CA LYS H 11 31.98 24.44 7.86
C LYS H 11 31.68 23.55 9.07
N THR H 12 32.23 23.92 10.22
CA THR H 12 32.01 23.20 11.47
C THR H 12 30.88 23.88 12.23
N ILE H 13 29.79 23.15 12.44
CA ILE H 13 28.61 23.66 13.13
C ILE H 13 28.68 23.24 14.58
N THR H 14 28.61 24.22 15.48
CA THR H 14 28.57 23.96 16.92
C THR H 14 27.14 24.13 17.40
N LEU H 15 26.63 23.15 18.13
CA LEU H 15 25.25 23.13 18.60
C LEU H 15 25.21 22.93 20.10
N GLU H 16 24.21 23.55 20.73
CA GLU H 16 23.94 23.35 22.16
C GLU H 16 22.74 22.42 22.29
N VAL H 17 22.99 21.19 22.75
CA VAL H 17 21.97 20.16 22.83
C VAL H 17 22.02 19.53 24.22
N GLU H 18 21.00 18.72 24.50
CA GLU H 18 20.93 17.90 25.70
C GLU H 18 20.77 16.44 25.29
N PRO H 19 21.18 15.50 26.15
CA PRO H 19 21.10 14.08 25.75
C PRO H 19 19.69 13.61 25.44
N SER H 20 18.67 14.28 25.92
CA SER H 20 17.29 13.92 25.61
C SER H 20 16.87 14.34 24.20
N ASP H 21 17.67 15.18 23.53
CA ASP H 21 17.30 15.65 22.21
C ASP H 21 17.19 14.51 21.22
N THR H 22 16.14 14.53 20.41
CA THR H 22 15.99 13.59 19.31
C THR H 22 16.71 14.11 18.08
N ILE H 23 17.01 13.20 17.14
CA ILE H 23 17.78 13.57 15.96
C ILE H 23 17.07 14.64 15.15
N GLU H 24 15.74 14.55 15.03
CA GLU H 24 15.00 15.57 14.32
C GLU H 24 14.91 16.86 15.12
N ASN H 25 15.01 16.80 16.45
CA ASN H 25 15.14 18.01 17.23
C ASN H 25 16.49 18.68 16.99
N VAL H 26 17.55 17.88 16.85
CA VAL H 26 18.86 18.43 16.49
C VAL H 26 18.81 19.03 15.09
N LYS H 27 18.09 18.37 14.18
CA LYS H 27 17.99 18.88 12.81
C LYS H 27 17.28 20.22 12.78
N ALA H 28 16.25 20.40 13.62
CA ALA H 28 15.56 21.68 13.74
C ALA H 28 16.49 22.77 14.26
N LYS H 29 17.42 22.41 15.15
CA LYS H 29 18.38 23.39 15.63
C LYS H 29 19.38 23.74 14.53
N ILE H 30 19.75 22.76 13.71
CA ILE H 30 20.67 23.01 12.60
C ILE H 30 20.06 24.01 11.63
N GLN H 31 18.77 23.85 11.32
CA GLN H 31 18.12 24.78 10.39
C GLN H 31 18.12 26.20 10.94
N ASP H 32 17.86 26.36 12.24
CA ASP H 32 17.83 27.69 12.81
C ASP H 32 19.18 28.38 12.71
N LYS H 33 20.27 27.61 12.81
CA LYS H 33 21.60 28.19 12.80
C LYS H 33 22.17 28.37 11.40
N GLU H 34 21.85 27.48 10.46
CA GLU H 34 22.41 27.56 9.11
C GLU H 34 21.37 27.62 8.00
N GLY H 35 20.08 27.53 8.32
CA GLY H 35 19.05 27.64 7.31
C GLY H 35 18.87 26.42 6.43
N ILE H 36 19.51 25.31 6.76
CA ILE H 36 19.38 24.08 5.97
C ILE H 36 18.09 23.38 6.38
N PRO H 37 17.16 23.16 5.46
CA PRO H 37 15.90 22.48 5.83
C PRO H 37 16.18 21.08 6.32
N PRO H 38 15.45 20.63 7.36
CA PRO H 38 15.75 19.31 7.93
C PRO H 38 15.59 18.14 6.96
N ASP H 39 14.83 18.32 5.88
CA ASP H 39 14.69 17.26 4.89
C ASP H 39 15.95 17.07 4.04
N GLN H 40 16.77 18.11 3.91
CA GLN H 40 18.03 18.04 3.17
C GLN H 40 19.21 17.69 4.05
N GLN H 41 18.97 17.27 5.29
CA GLN H 41 20.02 16.94 6.24
C GLN H 41 20.06 15.44 6.44
N ARG H 42 21.22 14.83 6.21
CA ARG H 42 21.46 13.43 6.54
C ARG H 42 22.56 13.40 7.59
N LEU H 43 22.19 13.09 8.83
CA LEU H 43 23.11 13.11 9.96
C LEU H 43 23.76 11.74 10.12
N ILE H 44 25.08 11.73 10.32
CA ILE H 44 25.86 10.51 10.42
C ILE H 44 26.70 10.56 11.69
N PHE H 45 26.76 9.44 12.40
CA PHE H 45 27.65 9.30 13.57
C PHE H 45 28.27 7.92 13.53
N ALA H 46 29.60 7.86 13.47
CA ALA H 46 30.36 6.61 13.50
C ALA H 46 29.93 5.68 12.37
N GLY H 47 29.82 6.22 11.16
CA GLY H 47 29.42 5.42 10.02
C GLY H 47 27.98 4.98 10.02
N LYS H 48 27.17 5.46 10.95
CA LYS H 48 25.75 5.10 11.05
C LYS H 48 24.90 6.32 10.75
N GLN H 49 23.92 6.15 9.86
CA GLN H 49 22.94 7.20 9.65
C GLN H 49 21.98 7.26 10.83
N LEU H 50 21.67 8.46 11.28
CA LEU H 50 20.89 8.66 12.49
C LEU H 50 19.41 8.79 12.14
N GLU H 51 18.60 7.85 12.63
CA GLU H 51 17.16 7.94 12.45
C GLU H 51 16.59 9.03 13.35
N ASP H 52 15.53 9.68 12.86
CA ASP H 52 15.00 10.86 13.52
C ASP H 52 14.34 10.53 14.87
N GLY H 53 13.90 9.30 15.07
CA GLY H 53 13.22 8.91 16.29
C GLY H 53 14.12 8.40 17.39
N ARG H 54 15.44 8.48 17.24
CA ARG H 54 16.39 8.04 18.24
C ARG H 54 17.03 9.25 18.90
N THR H 55 17.28 9.15 20.20
CA THR H 55 17.86 10.25 20.95
C THR H 55 19.39 10.23 20.85
N LEU H 56 20.00 11.34 21.29
CA LEU H 56 21.45 11.42 21.29
C LEU H 56 22.06 10.40 22.25
N SER H 57 21.40 10.15 23.38
CA SER H 57 21.90 9.15 24.31
C SER H 57 21.75 7.73 23.75
N ASP H 58 20.75 7.51 22.90
CA ASP H 58 20.57 6.19 22.29
C ASP H 58 21.78 5.81 21.45
N TYR H 59 22.22 6.73 20.58
CA TYR H 59 23.41 6.52 19.76
C TYR H 59 24.70 6.73 20.54
N ASN H 60 24.62 7.02 21.84
CA ASN H 60 25.80 7.30 22.68
C ASN H 60 26.60 8.48 22.15
N ILE H 61 25.93 9.38 21.44
CA ILE H 61 26.53 10.66 21.09
C ILE H 61 26.62 11.52 22.34
N GLN H 62 27.81 12.01 22.65
CA GLN H 62 28.03 12.73 23.90
C GLN H 62 28.76 14.04 23.63
N LYS H 63 29.42 14.57 24.66
CA LYS H 63 29.97 15.92 24.61
C LYS H 63 31.12 16.01 23.62
N GLU H 64 31.19 17.15 22.93
CA GLU H 64 32.26 17.45 21.96
C GLU H 64 32.44 16.31 20.97
N SER H 65 31.35 15.64 20.64
CA SER H 65 31.34 14.59 19.63
C SER H 65 31.04 15.20 18.27
N THR H 66 31.69 14.67 17.24
CA THR H 66 31.57 15.20 15.88
C THR H 66 30.66 14.30 15.07
N LEU H 67 29.51 14.85 14.66
CA LEU H 67 28.64 14.23 13.68
C LEU H 67 28.97 14.77 12.30
N HIS H 68 28.52 14.07 11.27
CA HIS H 68 28.83 14.45 9.89
C HIS H 68 27.54 14.74 9.13
N LEU H 69 27.46 15.95 8.57
CA LEU H 69 26.35 16.36 7.73
C LEU H 69 26.76 16.17 6.28
N VAL H 70 26.15 15.19 5.61
CA VAL H 70 26.44 14.90 4.22
C VAL H 70 25.27 15.44 3.38
N LEU H 71 25.58 16.36 2.47
CA LEU H 71 24.56 16.97 1.63
C LEU H 71 24.34 16.11 0.37
N ARG H 72 23.10 16.07 -0.09
CA ARG H 72 22.79 15.48 -1.39
C ARG H 72 23.38 16.37 -2.48
N LEU H 73 24.38 15.86 -3.19
CA LEU H 73 25.09 16.62 -4.20
C LEU H 73 24.46 16.35 -5.57
N ARG H 74 23.95 17.39 -6.21
CA ARG H 74 23.39 17.30 -7.55
C ARG H 74 23.98 18.39 -8.43
N GLY H 75 23.96 18.13 -9.74
CA GLY H 75 24.49 19.07 -10.70
C GLY H 75 23.94 18.86 -12.09
#